data_7P8V
#
_entry.id   7P8V
#
_cell.length_a   1.00
_cell.length_b   1.00
_cell.length_c   1.00
_cell.angle_alpha   90.00
_cell.angle_beta   90.00
_cell.angle_gamma   90.00
#
loop_
_entity.id
_entity.type
_entity.pdbx_description
1 polymer 'DNA mismatch repair protein MutL'
2 polymer 'Template strand'
3 polymer 'Primer strand'
4 non-polymer 'PHOSPHOAMINOPHOSPHONIC ACID-ADENYLATE ESTER'
5 non-polymer 'MAGNESIUM ION'
#
loop_
_entity_poly.entity_id
_entity_poly.type
_entity_poly.pdbx_seq_one_letter_code
_entity_poly.pdbx_strand_id
1 'polypeptide(L)'
;MPIQVLPPQLANQIAAGEVVERPASVVKELVENSLDAGATRIDIDIERGGAKLIRIRDNGCGIKKDELALALARHATSKI
ASLDDLEAIISLGFRGEALASISSVSRLTLTSRTAEQQEAWQAYAEGRDMNVTVKPAAHPVGTTLEVLDLFYNTPARRKF
LRTEKTEFNHIDEIIRRIALARFDVTINLSHNGKIVRQYRAVPEGGQKERRLGAICGTAFLEQALAIEWQHGDLTLRGWV
ADPNHTTPALAEIQYCYVNGRMMRDRLINHAIRQACEDKLGADQQPAFVLYLEIDPHQVDVNVHPAKHEVRFHQSRLVHD
FIYQGVLSVLQQQLETPLPLDDEPQPAPRSIPENRVAAGRNHFAEPAAREPVAPRYTPAPASGSRPAAPWPNAQPGYQKQ
QGEVYRQLLQTPAPMQKLKAPEPQEPALAANSQSFGRVLTIVHSDCALLERDGNISLLSLPVAERWLRQAQLTPGEAPVC
AQPLLIPLRLKVSAEEKSALEKAQSALAELGIDFQSDAQHVTIRAVPLPLRQQNLQILIPELIGYLAKQSVFEPGNIAQW
IARNLMSEHAQWSMAQAITLLADVERLCPQLVKTPPGGLLQSVDLHPAIKALKDE
;
A,B
2 'polydeoxyribonucleotide'
;(DG)(DC)(DT)(DG)(DG)(DA)(DG)(DG)(DC)(DT)(DA)(DA)(DG)(DC)(DT)(DA)(DA)(DG)(DC)(DT)
(DG)(DA)
;
C
3 'polydeoxyribonucleotide' (DT)(DC)(DA)(DG)(DC)(DT)(DT)(DA)(DG)(DC)(DT)(DT)(DA) D
#
loop_
_chem_comp.id
_chem_comp.type
_chem_comp.name
_chem_comp.formula
ANP non-polymer 'PHOSPHOAMINOPHOSPHONIC ACID-ADENYLATE ESTER' 'C10 H17 N6 O12 P3'
DA DNA linking 2'-DEOXYADENOSINE-5'-MONOPHOSPHATE 'C10 H14 N5 O6 P'
DC DNA linking 2'-DEOXYCYTIDINE-5'-MONOPHOSPHATE 'C9 H14 N3 O7 P'
DG DNA linking 2'-DEOXYGUANOSINE-5'-MONOPHOSPHATE 'C10 H14 N5 O7 P'
DT DNA linking THYMIDINE-5'-MONOPHOSPHATE 'C10 H15 N2 O8 P'
MG non-polymer 'MAGNESIUM ION' 'Mg 2'
#
# COMPACT_ATOMS: atom_id res chain seq x y z
N MET A 1 10.72 27.47 -5.35
CA MET A 1 10.16 26.16 -4.92
C MET A 1 11.06 25.57 -3.82
N PRO A 2 11.01 26.07 -2.56
CA PRO A 2 11.88 25.61 -1.49
C PRO A 2 11.40 24.31 -0.83
N ILE A 3 12.31 23.52 -0.26
CA ILE A 3 11.95 22.26 0.46
C ILE A 3 11.48 22.71 1.84
N GLN A 4 10.16 22.62 2.11
CA GLN A 4 9.53 23.09 3.37
C GLN A 4 8.87 21.90 4.07
N VAL A 5 8.97 21.84 5.41
CA VAL A 5 8.33 20.76 6.20
C VAL A 5 6.82 20.96 6.08
N LEU A 6 6.08 19.90 5.74
CA LEU A 6 4.60 19.96 5.57
C LEU A 6 3.98 20.24 6.95
N PRO A 7 2.97 21.13 7.07
CA PRO A 7 2.26 21.33 8.33
C PRO A 7 1.66 20.00 8.83
N PRO A 8 1.58 19.71 10.15
CA PRO A 8 1.12 18.41 10.63
C PRO A 8 -0.26 17.99 10.10
N GLN A 9 -1.20 18.93 9.95
CA GLN A 9 -2.54 18.62 9.41
C GLN A 9 -2.38 18.09 7.98
N LEU A 10 -1.57 18.73 7.16
CA LEU A 10 -1.35 18.31 5.73
C LEU A 10 -0.70 16.94 5.70
N ALA A 11 0.32 16.71 6.53
CA ALA A 11 1.07 15.43 6.58
C ALA A 11 0.11 14.32 6.96
N ASN A 12 -0.73 14.54 7.96
CA ASN A 12 -1.73 13.54 8.43
C ASN A 12 -2.78 13.32 7.34
N GLN A 13 -3.18 14.36 6.62
CA GLN A 13 -4.18 14.25 5.50
C GLN A 13 -3.59 13.35 4.42
N ILE A 14 -2.28 13.45 4.14
CA ILE A 14 -1.59 12.59 3.12
C ILE A 14 -1.57 11.14 3.62
N ALA A 15 -1.29 10.91 4.90
CA ALA A 15 -1.31 9.56 5.50
C ALA A 15 -2.73 9.01 5.42
N ALA A 16 -3.75 9.85 5.60
CA ALA A 16 -5.18 9.47 5.51
C ALA A 16 -5.49 9.01 4.10
N GLY A 17 -4.79 9.54 3.11
CA GLY A 17 -4.98 9.14 1.71
C GLY A 17 -4.76 7.65 1.55
N GLU A 18 -3.81 7.07 2.26
CA GLU A 18 -3.46 5.63 2.11
C GLU A 18 -4.18 4.77 3.16
N VAL A 19 -4.22 5.19 4.43
CA VAL A 19 -4.78 4.38 5.56
C VAL A 19 -6.30 4.53 5.67
N VAL A 20 -6.88 5.67 5.29
CA VAL A 20 -8.35 5.93 5.36
C VAL A 20 -8.91 5.97 3.94
N GLU A 21 -9.26 4.82 3.36
CA GLU A 21 -9.77 4.71 1.97
C GLU A 21 -11.26 5.06 1.91
N ARG A 22 -12.06 4.51 2.82
CA ARG A 22 -13.54 4.70 2.88
C ARG A 22 -13.96 4.72 4.34
N PRO A 23 -15.23 5.00 4.69
CA PRO A 23 -15.72 4.82 6.06
C PRO A 23 -15.47 3.40 6.58
N ALA A 24 -15.49 2.39 5.70
CA ALA A 24 -15.21 0.97 6.05
C ALA A 24 -13.81 0.87 6.68
N SER A 25 -12.79 1.51 6.09
CA SER A 25 -11.40 1.49 6.60
C SER A 25 -11.33 2.19 7.96
N VAL A 26 -12.10 3.26 8.18
CA VAL A 26 -12.15 3.93 9.51
C VAL A 26 -12.70 2.92 10.54
N VAL A 27 -13.77 2.19 10.21
CA VAL A 27 -14.39 1.19 11.14
C VAL A 27 -13.36 0.09 11.41
N LYS A 28 -12.65 -0.39 10.39
CA LYS A 28 -11.63 -1.47 10.53
C LYS A 28 -10.53 -1.03 11.47
N GLU A 29 -9.99 0.18 11.29
CA GLU A 29 -8.86 0.67 12.10
C GLU A 29 -9.28 0.77 13.56
N LEU A 30 -10.45 1.37 13.84
CA LEU A 30 -10.93 1.63 15.23
C LEU A 30 -11.30 0.30 15.91
N VAL A 31 -11.88 -0.65 15.17
CA VAL A 31 -12.23 -1.99 15.73
C VAL A 31 -10.94 -2.74 16.09
N GLU A 32 -9.92 -2.70 15.23
CA GLU A 32 -8.62 -3.39 15.47
C GLU A 32 -8.00 -2.83 16.74
N ASN A 33 -8.07 -1.51 16.94
CA ASN A 33 -7.47 -0.81 18.12
C ASN A 33 -8.15 -1.31 19.38
N SER A 34 -9.47 -1.49 19.34
CA SER A 34 -10.25 -2.02 20.48
C SER A 34 -9.86 -3.47 20.78
N LEU A 35 -9.79 -4.32 19.75
CA LEU A 35 -9.53 -5.75 19.99
C LEU A 35 -8.18 -5.90 20.64
N ASP A 36 -7.16 -5.28 20.08
CA ASP A 36 -5.80 -5.47 20.63
C ASP A 36 -5.81 -4.94 22.05
N ALA A 37 -6.55 -3.88 22.29
CA ALA A 37 -6.55 -3.24 23.62
C ALA A 37 -7.22 -4.19 24.61
N GLY A 38 -7.93 -5.18 24.10
CA GLY A 38 -8.60 -6.16 24.95
C GLY A 38 -10.01 -5.69 25.10
N ALA A 39 -10.90 -6.24 24.31
CA ALA A 39 -12.31 -5.85 24.38
C ALA A 39 -13.16 -7.08 24.16
N THR A 40 -14.27 -7.17 24.85
CA THR A 40 -15.19 -8.31 24.67
C THR A 40 -16.50 -7.80 24.12
N ARG A 41 -16.83 -6.54 24.36
CA ARG A 41 -18.07 -5.95 23.83
C ARG A 41 -17.69 -4.78 22.95
N ILE A 42 -17.93 -4.87 21.63
CA ILE A 42 -17.70 -3.76 20.66
C ILE A 42 -19.07 -3.34 20.14
N ASP A 43 -19.45 -2.07 20.30
CA ASP A 43 -20.75 -1.53 19.83
C ASP A 43 -20.46 -0.47 18.77
N ILE A 44 -20.77 -0.76 17.50
CA ILE A 44 -20.50 0.17 16.37
C ILE A 44 -21.84 0.77 15.93
N ASP A 45 -21.89 2.09 15.70
CA ASP A 45 -23.11 2.80 15.24
C ASP A 45 -22.77 3.65 14.01
N ILE A 46 -23.11 3.18 12.82
CA ILE A 46 -22.88 3.93 11.55
C ILE A 46 -24.17 4.70 11.23
N GLU A 47 -24.05 5.98 10.88
CA GLU A 47 -25.22 6.84 10.53
C GLU A 47 -24.98 7.49 9.16
N ARG A 48 -25.95 7.41 8.25
CA ARG A 48 -25.89 8.01 6.89
C ARG A 48 -24.71 7.40 6.11
N GLY A 49 -24.50 6.09 6.25
CA GLY A 49 -23.48 5.34 5.49
C GLY A 49 -22.07 5.69 5.90
N GLY A 50 -21.87 6.16 7.13
CA GLY A 50 -20.53 6.50 7.68
C GLY A 50 -20.17 7.94 7.42
N ALA A 51 -20.78 8.59 6.44
CA ALA A 51 -20.49 9.98 6.05
C ALA A 51 -20.84 10.93 7.18
N LYS A 52 -21.95 10.69 7.92
CA LYS A 52 -22.42 11.62 8.99
C LYS A 52 -21.78 11.28 10.34
N LEU A 53 -21.86 10.03 10.80
CA LEU A 53 -21.33 9.64 12.14
C LEU A 53 -20.94 8.17 12.20
N ILE A 54 -19.74 7.86 12.74
CA ILE A 54 -19.26 6.47 13.01
C ILE A 54 -18.82 6.46 14.47
N ARG A 55 -19.51 5.69 15.32
CA ARG A 55 -19.17 5.62 16.76
C ARG A 55 -18.85 4.18 17.17
N ILE A 56 -17.64 3.93 17.70
CA ILE A 56 -17.21 2.59 18.16
C ILE A 56 -16.99 2.67 19.67
N ARG A 57 -17.65 1.80 20.45
CA ARG A 57 -17.51 1.74 21.93
C ARG A 57 -17.02 0.35 22.32
N ASP A 58 -16.13 0.25 23.31
CA ASP A 58 -15.54 -1.04 23.76
C ASP A 58 -15.46 -1.10 25.29
N ASN A 59 -15.14 -2.25 25.87
CA ASN A 59 -14.93 -2.42 27.33
C ASN A 59 -13.44 -2.72 27.52
N GLY A 60 -12.57 -1.93 26.87
CA GLY A 60 -11.12 -2.14 26.90
C GLY A 60 -10.45 -1.55 28.11
N CYS A 61 -9.11 -1.54 28.12
CA CYS A 61 -8.29 -1.05 29.26
C CYS A 61 -8.35 0.47 29.40
N GLY A 62 -8.73 1.18 28.33
CA GLY A 62 -8.85 2.65 28.35
C GLY A 62 -7.51 3.34 28.19
N ILE A 63 -7.49 4.67 28.18
CA ILE A 63 -6.26 5.49 28.00
C ILE A 63 -6.27 6.60 29.06
N LYS A 64 -5.26 6.69 29.93
CA LYS A 64 -5.13 7.75 30.96
C LYS A 64 -4.91 9.10 30.28
N LYS A 65 -5.14 10.23 30.99
CA LYS A 65 -5.18 11.60 30.40
C LYS A 65 -3.95 11.96 29.57
N ASP A 66 -2.72 11.77 30.09
CA ASP A 66 -1.48 12.18 29.37
C ASP A 66 -1.32 11.31 28.13
N GLU A 67 -1.59 10.01 28.26
CA GLU A 67 -1.50 9.03 27.14
C GLU A 67 -2.65 9.26 26.18
N LEU A 68 -3.78 9.81 26.65
CA LEU A 68 -4.94 10.17 25.79
C LEU A 68 -4.49 11.27 24.83
N ALA A 69 -3.71 12.22 25.32
CA ALA A 69 -3.17 13.34 24.50
C ALA A 69 -2.25 12.79 23.41
N LEU A 70 -1.37 11.86 23.76
CA LEU A 70 -0.38 11.26 22.81
C LEU A 70 -1.07 10.28 21.86
N ALA A 71 -2.25 9.77 22.20
CA ALA A 71 -3.00 8.82 21.35
C ALA A 71 -3.35 9.48 20.02
N LEU A 72 -3.83 10.72 20.05
CA LEU A 72 -4.26 11.48 18.84
C LEU A 72 -3.04 11.93 18.02
N ALA A 73 -1.85 11.89 18.60
CA ALA A 73 -0.60 12.34 17.93
C ALA A 73 -0.18 11.32 16.87
N ARG A 74 0.79 11.69 16.03
CA ARG A 74 1.33 10.84 14.94
C ARG A 74 2.64 10.20 15.38
N HIS A 75 2.91 8.96 14.94
CA HIS A 75 4.09 8.16 15.35
C HIS A 75 4.09 8.01 16.87
N ALA A 76 2.93 7.81 17.50
CA ALA A 76 2.84 7.57 18.95
C ALA A 76 2.03 6.30 19.21
N THR A 77 2.64 5.26 19.74
CA THR A 77 1.99 3.95 19.98
C THR A 77 2.56 3.26 21.22
N SER A 78 1.81 2.32 21.79
CA SER A 78 2.22 1.52 22.99
C SER A 78 2.41 0.07 22.57
N LYS A 79 2.60 -0.22 21.28
CA LYS A 79 2.64 -1.61 20.75
C LYS A 79 4.04 -1.99 20.25
N ILE A 80 4.93 -1.03 19.96
CA ILE A 80 6.35 -1.31 19.62
C ILE A 80 7.24 -0.28 20.33
N ALA A 81 8.42 -0.69 20.78
CA ALA A 81 9.45 0.20 21.39
C ALA A 81 10.71 0.19 20.53
N SER A 82 11.02 -0.92 19.85
CA SER A 82 12.23 -1.07 18.99
C SER A 82 12.00 -2.10 17.89
N LEU A 83 12.99 -2.30 17.01
CA LEU A 83 12.92 -3.24 15.85
C LEU A 83 12.63 -4.66 16.34
N ASP A 84 13.18 -5.08 17.48
CA ASP A 84 13.03 -6.47 18.01
C ASP A 84 11.54 -6.73 18.23
N ASP A 85 10.81 -5.76 18.79
CA ASP A 85 9.34 -5.87 19.03
C ASP A 85 8.63 -5.99 17.68
N LEU A 86 9.07 -5.24 16.67
CA LEU A 86 8.49 -5.26 15.30
C LEU A 86 8.71 -6.64 14.68
N GLU A 87 9.82 -7.32 15.00
CA GLU A 87 10.08 -8.72 14.56
C GLU A 87 9.07 -9.64 15.24
N ALA A 88 8.78 -9.40 16.53
CA ALA A 88 7.93 -10.28 17.38
C ALA A 88 6.53 -9.70 17.63
N ILE A 89 5.81 -9.35 16.56
CA ILE A 89 4.47 -8.71 16.68
C ILE A 89 3.44 -9.74 17.16
N ILE A 90 2.69 -9.42 18.22
CA ILE A 90 1.53 -10.24 18.70
C ILE A 90 0.29 -9.33 18.74
N SER A 91 0.38 -8.07 18.30
CA SER A 91 -0.71 -7.06 18.36
C SER A 91 -1.11 -6.64 16.95
N LEU A 92 -2.15 -5.81 16.82
CA LEU A 92 -2.69 -5.37 15.51
C LEU A 92 -2.21 -3.95 15.18
N GLY A 93 -1.23 -3.40 15.91
CA GLY A 93 -0.73 -2.03 15.70
C GLY A 93 0.78 -1.92 15.68
N PHE A 94 1.36 -1.20 14.72
CA PHE A 94 2.82 -0.92 14.62
C PHE A 94 3.06 0.58 14.71
N ARG A 95 2.43 1.38 13.84
CA ARG A 95 2.69 2.84 13.72
C ARG A 95 1.70 3.64 14.55
N GLY A 96 1.81 4.97 14.55
CA GLY A 96 0.83 5.85 15.21
C GLY A 96 0.07 6.67 14.20
N GLU A 97 0.03 6.24 12.94
CA GLU A 97 -0.54 7.05 11.84
C GLU A 97 -2.00 6.72 11.53
N ALA A 98 -2.70 5.89 12.32
CA ALA A 98 -4.11 5.55 12.05
C ALA A 98 -5.06 6.58 12.67
N LEU A 99 -4.99 6.83 13.98
CA LEU A 99 -5.84 7.84 14.68
C LEU A 99 -5.46 9.25 14.26
N ALA A 100 -4.17 9.52 14.02
CA ALA A 100 -3.69 10.82 13.50
C ALA A 100 -4.38 11.08 12.17
N SER A 101 -4.40 10.08 11.28
CA SER A 101 -4.99 10.21 9.93
C SER A 101 -6.50 10.44 10.01
N ILE A 102 -7.23 9.66 10.81
CA ILE A 102 -8.72 9.76 10.92
C ILE A 102 -9.05 11.11 11.56
N SER A 103 -8.32 11.53 12.60
CA SER A 103 -8.53 12.84 13.30
C SER A 103 -8.22 13.97 12.33
N SER A 104 -7.32 13.75 11.38
CA SER A 104 -6.96 14.75 10.34
C SER A 104 -8.08 14.96 9.32
N VAL A 105 -8.74 13.91 8.87
CA VAL A 105 -9.78 13.99 7.79
C VAL A 105 -11.19 13.98 8.37
N SER A 106 -11.37 14.21 9.69
CA SER A 106 -12.68 14.19 10.36
C SER A 106 -12.68 14.93 11.69
N ARG A 107 -13.82 14.95 12.40
CA ARG A 107 -13.97 15.55 13.75
C ARG A 107 -13.91 14.39 14.77
N LEU A 108 -12.71 13.97 15.17
CA LEU A 108 -12.54 12.77 16.05
C LEU A 108 -12.55 13.18 17.52
N THR A 109 -13.49 12.64 18.31
CA THR A 109 -13.64 12.94 19.75
C THR A 109 -13.42 11.63 20.53
N LEU A 110 -12.18 11.34 20.90
CA LEU A 110 -11.81 10.12 21.67
C LEU A 110 -12.20 10.32 23.12
N THR A 111 -13.02 9.43 23.71
CA THR A 111 -13.45 9.49 25.12
C THR A 111 -13.11 8.15 25.76
N SER A 112 -12.40 8.14 26.90
CA SER A 112 -11.97 6.88 27.55
C SER A 112 -11.86 7.02 29.07
N ARG A 113 -11.97 5.90 29.80
CA ARG A 113 -11.79 5.86 31.27
C ARG A 113 -11.19 4.50 31.62
N THR A 114 -9.94 4.46 32.10
CA THR A 114 -9.27 3.21 32.50
C THR A 114 -9.92 2.70 33.79
N ALA A 115 -9.70 1.42 34.14
CA ALA A 115 -10.30 0.77 35.32
C ALA A 115 -9.91 1.49 36.61
N GLU A 116 -8.67 1.94 36.73
CA GLU A 116 -8.11 2.50 37.99
C GLU A 116 -8.49 3.97 38.17
N GLN A 117 -8.44 4.77 37.11
CA GLN A 117 -8.65 6.24 37.23
C GLN A 117 -10.12 6.52 37.53
N GLN A 118 -10.41 7.58 38.26
CA GLN A 118 -11.76 7.89 38.79
C GLN A 118 -12.78 8.32 37.75
N GLU A 119 -12.40 9.15 36.76
CA GLU A 119 -13.38 9.80 35.84
C GLU A 119 -12.92 9.75 34.39
N ALA A 120 -13.85 9.89 33.44
CA ALA A 120 -13.58 9.78 31.98
C ALA A 120 -13.08 11.11 31.41
N TRP A 121 -12.46 11.06 30.23
CA TRP A 121 -11.89 12.26 29.56
C TRP A 121 -12.17 12.22 28.05
N GLN A 122 -12.58 13.34 27.46
CA GLN A 122 -12.93 13.47 26.03
C GLN A 122 -11.84 14.32 25.39
N ALA A 123 -11.10 13.79 24.41
CA ALA A 123 -9.97 14.48 23.75
C ALA A 123 -10.17 14.53 22.24
N TYR A 124 -9.98 15.71 21.63
CA TYR A 124 -10.09 15.91 20.17
C TYR A 124 -8.91 16.75 19.67
N ALA A 125 -8.42 16.47 18.46
CA ALA A 125 -7.30 17.21 17.83
C ALA A 125 -7.87 18.12 16.75
N GLU A 126 -7.52 19.42 16.76
CA GLU A 126 -8.03 20.41 15.78
C GLU A 126 -6.93 21.39 15.38
N GLY A 127 -7.12 22.11 14.26
CA GLY A 127 -6.18 23.15 13.80
C GLY A 127 -5.23 22.68 12.72
N ARG A 128 -4.56 23.61 12.04
CA ARG A 128 -3.54 23.29 11.00
C ARG A 128 -2.30 22.72 11.70
N ASP A 129 -2.10 22.99 13.00
CA ASP A 129 -0.96 22.48 13.81
C ASP A 129 -1.37 21.27 14.66
N MET A 130 -2.65 20.88 14.63
CA MET A 130 -3.19 19.68 15.34
C MET A 130 -2.87 19.70 16.83
N ASN A 131 -3.25 20.77 17.55
CA ASN A 131 -3.15 20.80 19.03
C ASN A 131 -4.27 19.90 19.57
N VAL A 132 -4.07 19.27 20.74
CA VAL A 132 -5.06 18.33 21.34
C VAL A 132 -5.68 18.99 22.57
N THR A 133 -7.02 18.98 22.66
CA THR A 133 -7.79 19.57 23.78
C THR A 133 -8.41 18.41 24.58
N VAL A 134 -8.28 18.38 25.90
CA VAL A 134 -8.78 17.27 26.76
C VAL A 134 -9.80 17.84 27.76
N LYS A 135 -11.09 17.63 27.53
CA LYS A 135 -12.21 18.12 28.39
C LYS A 135 -12.75 16.95 29.21
N PRO A 136 -13.31 17.15 30.42
CA PRO A 136 -13.88 16.06 31.21
C PRO A 136 -15.21 15.58 30.62
N ALA A 137 -15.52 14.28 30.78
CA ALA A 137 -16.75 13.65 30.24
C ALA A 137 -17.14 12.44 31.11
N ALA A 138 -18.24 11.76 30.77
CA ALA A 138 -18.75 10.58 31.50
C ALA A 138 -18.77 9.34 30.59
N HIS A 139 -18.11 8.25 30.99
CA HIS A 139 -18.07 6.98 30.23
C HIS A 139 -17.71 5.82 31.18
N PRO A 140 -18.25 4.59 31.02
CA PRO A 140 -17.82 3.43 31.82
C PRO A 140 -16.40 3.02 31.42
N VAL A 141 -15.80 2.04 32.13
CA VAL A 141 -14.43 1.57 31.80
C VAL A 141 -14.46 1.13 30.33
N GLY A 142 -13.53 1.66 29.53
CA GLY A 142 -13.50 1.42 28.07
C GLY A 142 -13.28 2.73 27.34
N THR A 143 -13.46 2.74 26.02
CA THR A 143 -13.20 3.91 25.14
C THR A 143 -14.30 4.04 24.09
N THR A 144 -14.58 5.26 23.63
CA THR A 144 -15.57 5.55 22.57
C THR A 144 -14.93 6.50 21.57
N LEU A 145 -14.96 6.17 20.27
CA LEU A 145 -14.48 7.07 19.20
C LEU A 145 -15.68 7.48 18.36
N GLU A 146 -15.85 8.78 18.09
CA GLU A 146 -16.92 9.29 17.20
C GLU A 146 -16.23 10.00 16.04
N VAL A 147 -16.33 9.46 14.84
CA VAL A 147 -15.77 10.07 13.60
C VAL A 147 -16.97 10.76 12.96
N LEU A 148 -17.02 12.10 12.97
CA LEU A 148 -18.17 12.84 12.41
C LEU A 148 -17.76 13.53 11.13
N ASP A 149 -18.65 13.60 10.14
CA ASP A 149 -18.44 14.36 8.88
C ASP A 149 -17.15 13.92 8.21
N LEU A 150 -17.04 12.63 7.88
CA LEU A 150 -15.80 12.07 7.29
C LEU A 150 -15.47 12.82 6.00
N PHE A 151 -14.21 13.24 5.82
CA PHE A 151 -13.70 13.99 4.64
C PHE A 151 -14.42 15.32 4.46
N TYR A 152 -14.86 15.96 5.53
CA TYR A 152 -15.53 17.29 5.45
C TYR A 152 -14.54 18.32 4.91
N ASN A 153 -13.26 18.27 5.33
CA ASN A 153 -12.24 19.29 4.98
C ASN A 153 -11.41 18.87 3.76
N THR A 154 -11.63 17.68 3.20
CA THR A 154 -10.94 17.22 1.95
C THR A 154 -12.01 16.98 0.87
N PRO A 155 -12.44 18.01 0.10
CA PRO A 155 -13.45 17.84 -0.95
C PRO A 155 -13.01 16.86 -2.03
N ALA A 156 -11.71 16.74 -2.29
CA ALA A 156 -11.15 15.85 -3.34
C ALA A 156 -11.55 14.40 -3.08
N ARG A 157 -11.52 13.93 -1.82
CA ARG A 157 -11.79 12.50 -1.49
C ARG A 157 -13.29 12.24 -1.26
N ARG A 158 -14.07 13.25 -0.84
CA ARG A 158 -15.53 13.07 -0.54
C ARG A 158 -16.26 12.69 -1.84
N LYS A 159 -15.78 13.16 -2.99
CA LYS A 159 -16.40 12.86 -4.32
C LYS A 159 -16.30 11.35 -4.57
N PHE A 160 -15.33 10.65 -3.96
CA PHE A 160 -15.13 9.19 -4.14
C PHE A 160 -16.11 8.35 -3.30
N LEU A 161 -16.76 8.92 -2.28
CA LEU A 161 -17.78 8.18 -1.48
C LEU A 161 -18.92 7.83 -2.44
N ARG A 162 -19.30 6.55 -2.54
CA ARG A 162 -20.24 6.08 -3.60
C ARG A 162 -21.70 6.43 -3.32
N THR A 163 -22.26 5.96 -2.20
CA THR A 163 -23.69 6.16 -1.83
C THR A 163 -23.85 5.92 -0.34
N GLU A 164 -25.06 6.02 0.23
CA GLU A 164 -25.33 5.59 1.62
C GLU A 164 -25.24 4.06 1.69
N LYS A 165 -25.83 3.35 0.72
CA LYS A 165 -25.96 1.86 0.79
C LYS A 165 -24.62 1.15 0.65
N THR A 166 -23.82 1.47 -0.37
CA THR A 166 -22.55 0.76 -0.69
C THR A 166 -21.55 0.91 0.44
N GLU A 167 -21.46 2.10 1.03
CA GLU A 167 -20.49 2.38 2.12
C GLU A 167 -20.82 1.50 3.32
N PHE A 168 -22.10 1.37 3.67
CA PHE A 168 -22.53 0.50 4.80
C PHE A 168 -22.26 -0.97 4.43
N ASN A 169 -22.42 -1.35 3.17
CA ASN A 169 -22.15 -2.74 2.70
C ASN A 169 -20.69 -3.06 2.97
N HIS A 170 -19.76 -2.14 2.66
CA HIS A 170 -18.30 -2.33 2.89
C HIS A 170 -18.01 -2.38 4.40
N ILE A 171 -18.67 -1.54 5.20
CA ILE A 171 -18.49 -1.54 6.68
C ILE A 171 -18.97 -2.89 7.21
N ASP A 172 -20.09 -3.40 6.72
CA ASP A 172 -20.68 -4.69 7.14
C ASP A 172 -19.72 -5.83 6.78
N GLU A 173 -19.09 -5.75 5.60
CA GLU A 173 -18.13 -6.78 5.13
C GLU A 173 -16.94 -6.82 6.08
N ILE A 174 -16.38 -5.68 6.46
CA ILE A 174 -15.21 -5.59 7.39
C ILE A 174 -15.63 -6.11 8.77
N ILE A 175 -16.82 -5.76 9.25
CA ILE A 175 -17.34 -6.22 10.57
C ILE A 175 -17.42 -7.74 10.57
N ARG A 176 -17.96 -8.34 9.50
CA ARG A 176 -18.13 -9.82 9.43
C ARG A 176 -16.75 -10.47 9.41
N ARG A 177 -15.78 -9.89 8.68
CA ARG A 177 -14.40 -10.45 8.59
C ARG A 177 -13.71 -10.37 9.96
N ILE A 178 -13.87 -9.27 10.69
CA ILE A 178 -13.28 -9.12 12.06
C ILE A 178 -13.93 -10.15 12.98
N ALA A 179 -15.25 -10.32 12.89
CA ALA A 179 -16.01 -11.23 13.78
C ALA A 179 -15.49 -12.66 13.61
N LEU A 180 -15.27 -13.10 12.37
CA LEU A 180 -14.73 -14.46 12.08
C LEU A 180 -13.32 -14.58 12.63
N ALA A 181 -12.48 -13.55 12.47
CA ALA A 181 -11.06 -13.57 12.90
C ALA A 181 -10.98 -13.85 14.39
N ARG A 182 -11.88 -13.27 15.20
CA ARG A 182 -11.93 -13.48 16.67
C ARG A 182 -13.32 -13.95 17.09
N PHE A 183 -13.49 -15.25 17.36
CA PHE A 183 -14.78 -15.80 17.86
C PHE A 183 -14.77 -15.66 19.38
N ASP A 184 -14.19 -14.60 19.93
CA ASP A 184 -14.06 -14.38 21.39
C ASP A 184 -14.77 -13.11 21.83
N VAL A 185 -15.17 -12.22 20.92
CA VAL A 185 -15.69 -10.86 21.24
C VAL A 185 -17.10 -10.67 20.66
N THR A 186 -18.00 -10.01 21.40
CA THR A 186 -19.36 -9.68 20.91
C THR A 186 -19.25 -8.39 20.09
N ILE A 187 -19.72 -8.41 18.83
CA ILE A 187 -19.71 -7.22 17.93
C ILE A 187 -21.16 -6.92 17.54
N ASN A 188 -21.66 -5.73 17.87
CA ASN A 188 -23.07 -5.33 17.62
C ASN A 188 -23.08 -4.13 16.67
N LEU A 189 -23.52 -4.35 15.43
CA LEU A 189 -23.56 -3.30 14.37
C LEU A 189 -24.96 -2.69 14.30
N SER A 190 -25.05 -1.37 14.19
CA SER A 190 -26.34 -0.64 14.11
C SER A 190 -26.26 0.49 13.08
N HIS A 191 -27.16 0.50 12.10
CA HIS A 191 -27.21 1.54 11.05
C HIS A 191 -28.41 2.44 11.27
N ASN A 192 -28.19 3.75 11.48
CA ASN A 192 -29.26 4.74 11.74
C ASN A 192 -30.08 4.34 12.96
N GLY A 193 -29.48 3.67 13.95
CA GLY A 193 -30.14 3.30 15.22
C GLY A 193 -30.86 1.96 15.19
N LYS A 194 -31.05 1.35 14.01
CA LYS A 194 -31.75 0.05 13.86
C LYS A 194 -30.68 -1.04 13.82
N ILE A 195 -30.73 -2.02 14.75
CA ILE A 195 -29.69 -3.08 14.86
C ILE A 195 -29.68 -3.89 13.56
N VAL A 196 -28.52 -4.05 12.93
CA VAL A 196 -28.36 -4.79 11.64
C VAL A 196 -27.75 -6.16 11.93
N ARG A 197 -26.63 -6.22 12.67
CA ARG A 197 -25.93 -7.49 12.96
C ARG A 197 -25.55 -7.59 14.44
N GLN A 198 -25.83 -8.75 15.07
CA GLN A 198 -25.36 -9.05 16.45
C GLN A 198 -24.69 -10.42 16.43
N TYR A 199 -23.44 -10.53 16.90
CA TYR A 199 -22.70 -11.81 17.03
C TYR A 199 -22.34 -11.96 18.50
N ARG A 200 -22.87 -12.99 19.17
CA ARG A 200 -22.63 -13.21 20.63
C ARG A 200 -21.38 -14.08 20.73
N ALA A 201 -20.44 -13.75 21.62
CA ALA A 201 -19.12 -14.41 21.71
C ALA A 201 -19.28 -15.84 22.20
N VAL A 202 -18.64 -16.79 21.52
CA VAL A 202 -18.66 -18.23 21.94
C VAL A 202 -17.54 -18.39 22.98
N PRO A 203 -17.79 -18.97 24.18
CA PRO A 203 -16.77 -19.08 25.20
C PRO A 203 -15.65 -20.04 24.78
N GLU A 204 -14.47 -19.98 25.40
CA GLU A 204 -13.29 -20.79 25.00
C GLU A 204 -13.68 -22.27 25.00
N GLY A 205 -13.41 -23.00 23.91
CA GLY A 205 -13.80 -24.41 23.76
C GLY A 205 -15.27 -24.55 23.38
N GLY A 206 -15.96 -23.45 23.09
CA GLY A 206 -17.39 -23.44 22.71
C GLY A 206 -17.58 -23.83 21.27
N GLN A 207 -18.84 -24.03 20.83
CA GLN A 207 -19.16 -24.46 19.44
C GLN A 207 -19.15 -23.24 18.52
N LYS A 208 -18.31 -23.24 17.48
CA LYS A 208 -18.14 -22.08 16.56
C LYS A 208 -19.28 -21.98 15.56
N GLU A 209 -19.91 -23.11 15.22
CA GLU A 209 -20.83 -23.24 14.06
C GLU A 209 -21.96 -22.21 14.06
N ARG A 210 -22.62 -21.97 15.19
CA ARG A 210 -23.80 -21.07 15.23
C ARG A 210 -23.39 -19.65 14.81
N ARG A 211 -22.30 -19.11 15.37
CA ARG A 211 -21.78 -17.76 14.99
C ARG A 211 -21.40 -17.74 13.51
N LEU A 212 -20.75 -18.80 13.02
CA LEU A 212 -20.31 -18.89 11.60
C LEU A 212 -21.54 -18.76 10.71
N GLY A 213 -22.65 -19.41 11.07
CA GLY A 213 -23.93 -19.31 10.33
C GLY A 213 -24.46 -17.90 10.33
N ALA A 214 -24.41 -17.20 11.46
CA ALA A 214 -24.90 -15.81 11.61
C ALA A 214 -24.10 -14.89 10.69
N ILE A 215 -22.83 -15.18 10.44
CA ILE A 215 -21.91 -14.36 9.59
C ILE A 215 -21.95 -14.82 8.13
N CYS A 216 -22.02 -16.13 7.84
CA CYS A 216 -21.88 -16.70 6.47
C CYS A 216 -23.11 -17.47 5.96
N GLY A 217 -24.21 -17.45 6.70
CA GLY A 217 -25.46 -18.12 6.28
C GLY A 217 -25.48 -19.59 6.63
N THR A 218 -26.66 -20.19 6.78
CA THR A 218 -26.84 -21.63 7.10
C THR A 218 -26.28 -22.48 5.95
N ALA A 219 -26.45 -22.05 4.70
CA ALA A 219 -26.02 -22.79 3.49
C ALA A 219 -24.53 -23.11 3.60
N PHE A 220 -23.71 -22.16 4.05
CA PHE A 220 -22.25 -22.38 4.25
C PHE A 220 -22.05 -23.51 5.27
N LEU A 221 -22.83 -23.52 6.34
CA LEU A 221 -22.71 -24.52 7.45
C LEU A 221 -23.07 -25.92 6.98
N GLU A 222 -24.18 -26.11 6.24
CA GLU A 222 -24.54 -27.45 5.70
C GLU A 222 -23.53 -27.85 4.62
N GLN A 223 -22.81 -26.89 4.03
CA GLN A 223 -21.79 -27.16 2.97
C GLN A 223 -20.37 -26.89 3.51
N ALA A 224 -20.18 -26.89 4.84
CA ALA A 224 -18.87 -26.61 5.48
C ALA A 224 -18.04 -27.89 5.61
N LEU A 225 -16.71 -27.78 5.53
CA LEU A 225 -15.79 -28.94 5.72
C LEU A 225 -14.57 -28.46 6.51
N ALA A 226 -14.58 -28.61 7.83
CA ALA A 226 -13.51 -28.13 8.74
C ALA A 226 -12.21 -28.89 8.44
N ILE A 227 -11.06 -28.24 8.58
CA ILE A 227 -9.72 -28.82 8.24
C ILE A 227 -8.70 -28.47 9.33
N GLU A 228 -7.59 -29.21 9.39
CA GLU A 228 -6.51 -29.00 10.40
C GLU A 228 -5.13 -29.33 9.82
N TRP A 229 -4.96 -29.20 8.49
CA TRP A 229 -3.72 -29.61 7.78
C TRP A 229 -2.50 -28.96 8.45
N GLN A 230 -1.56 -29.75 8.98
CA GLN A 230 -0.33 -29.24 9.65
C GLN A 230 0.91 -29.95 9.09
N HIS A 231 1.82 -29.21 8.46
CA HIS A 231 3.13 -29.70 7.96
C HIS A 231 4.18 -28.78 8.57
N GLY A 232 5.14 -29.31 9.33
CA GLY A 232 6.15 -28.49 10.04
C GLY A 232 5.50 -27.49 10.96
N ASP A 233 5.91 -26.23 10.92
CA ASP A 233 5.37 -25.15 11.80
C ASP A 233 4.08 -24.60 11.21
N LEU A 234 3.79 -24.84 9.92
CA LEU A 234 2.63 -24.24 9.22
C LEU A 234 1.36 -25.04 9.51
N THR A 235 0.29 -24.37 9.98
CA THR A 235 -1.04 -25.02 10.24
C THR A 235 -2.16 -24.24 9.55
N LEU A 236 -2.87 -24.87 8.61
CA LEU A 236 -3.98 -24.22 7.87
C LEU A 236 -5.28 -24.79 8.41
N ARG A 237 -5.92 -24.08 9.34
CA ARG A 237 -7.18 -24.49 9.99
C ARG A 237 -8.31 -23.73 9.30
N GLY A 238 -9.57 -23.98 9.69
CA GLY A 238 -10.73 -23.23 9.17
C GLY A 238 -11.72 -24.08 8.42
N TRP A 239 -12.72 -23.46 7.80
CA TRP A 239 -13.82 -24.14 7.10
C TRP A 239 -13.82 -23.75 5.63
N VAL A 240 -13.91 -24.73 4.73
CA VAL A 240 -13.96 -24.48 3.26
C VAL A 240 -15.28 -25.05 2.74
N ALA A 241 -16.00 -24.30 1.92
CA ALA A 241 -17.28 -24.75 1.32
C ALA A 241 -16.98 -25.82 0.26
N ASP A 242 -17.98 -26.61 -0.13
CA ASP A 242 -17.85 -27.65 -1.18
C ASP A 242 -18.22 -27.02 -2.53
N PRO A 243 -17.43 -27.19 -3.62
CA PRO A 243 -17.72 -26.58 -4.92
C PRO A 243 -18.78 -27.34 -5.74
N ASN A 244 -19.17 -28.54 -5.31
CA ASN A 244 -20.16 -29.40 -6.04
C ASN A 244 -21.48 -28.65 -6.20
N HIS A 245 -21.96 -27.97 -5.16
CA HIS A 245 -23.21 -27.16 -5.18
C HIS A 245 -22.94 -25.85 -4.42
N THR A 246 -22.07 -25.00 -4.95
CA THR A 246 -21.80 -23.65 -4.37
C THR A 246 -22.63 -22.64 -5.17
N THR A 247 -23.39 -21.77 -4.50
CA THR A 247 -24.24 -20.74 -5.14
C THR A 247 -23.44 -19.44 -5.27
N PRO A 248 -23.76 -18.51 -6.22
CA PRO A 248 -23.09 -17.20 -6.31
C PRO A 248 -23.25 -16.37 -5.02
N ALA A 249 -24.32 -16.59 -4.24
CA ALA A 249 -24.56 -15.92 -2.94
C ALA A 249 -23.43 -16.28 -1.96
N LEU A 250 -22.90 -17.50 -2.03
CA LEU A 250 -21.79 -17.98 -1.15
C LEU A 250 -20.43 -17.51 -1.68
N ALA A 251 -20.32 -17.16 -2.96
CA ALA A 251 -19.05 -16.79 -3.63
C ALA A 251 -18.43 -15.54 -3.02
N GLU A 252 -19.23 -14.66 -2.39
CA GLU A 252 -18.73 -13.41 -1.73
C GLU A 252 -17.84 -13.75 -0.53
N ILE A 253 -18.03 -14.92 0.10
CA ILE A 253 -17.27 -15.31 1.33
C ILE A 253 -15.97 -16.00 0.91
N GLN A 254 -14.89 -15.23 0.73
CA GLN A 254 -13.53 -15.76 0.46
C GLN A 254 -12.57 -15.01 1.39
N TYR A 255 -12.51 -15.42 2.66
CA TYR A 255 -11.67 -14.76 3.69
C TYR A 255 -10.51 -15.68 4.07
N CYS A 256 -9.33 -15.11 4.30
CA CYS A 256 -8.12 -15.87 4.70
C CYS A 256 -7.34 -15.02 5.69
N TYR A 257 -6.90 -15.60 6.81
CA TYR A 257 -6.23 -14.86 7.91
C TYR A 257 -4.84 -15.45 8.16
N VAL A 258 -3.85 -14.60 8.41
CA VAL A 258 -2.44 -15.03 8.72
C VAL A 258 -2.14 -14.55 10.15
N ASN A 259 -1.97 -15.46 11.10
CA ASN A 259 -1.74 -15.12 12.53
C ASN A 259 -2.87 -14.21 13.02
N GLY A 260 -4.11 -14.48 12.62
CA GLY A 260 -5.28 -13.72 13.09
C GLY A 260 -5.40 -12.30 12.59
N ARG A 261 -5.01 -11.99 11.35
CA ARG A 261 -5.28 -10.66 10.72
C ARG A 261 -5.85 -10.91 9.33
N MET A 262 -6.70 -10.00 8.81
CA MET A 262 -7.41 -10.22 7.53
C MET A 262 -6.46 -9.97 6.36
N MET A 263 -6.21 -10.98 5.53
CA MET A 263 -5.27 -10.91 4.40
C MET A 263 -5.98 -10.82 3.06
N ARG A 264 -5.67 -9.81 2.25
CA ARG A 264 -6.07 -9.72 0.83
C ARG A 264 -4.72 -9.86 0.10
N ASP A 265 -4.02 -10.99 0.31
CA ASP A 265 -2.65 -11.21 -0.22
C ASP A 265 -2.68 -11.89 -1.57
N ARG A 266 -1.77 -11.52 -2.48
CA ARG A 266 -1.68 -12.07 -3.85
C ARG A 266 -1.26 -13.54 -3.80
N LEU A 267 -0.23 -13.86 -3.02
CA LEU A 267 0.33 -15.24 -2.96
C LEU A 267 -0.72 -16.22 -2.47
N ILE A 268 -1.42 -15.91 -1.38
CA ILE A 268 -2.39 -16.86 -0.74
C ILE A 268 -3.58 -17.06 -1.67
N ASN A 269 -4.17 -15.96 -2.16
CA ASN A 269 -5.37 -16.01 -3.05
C ASN A 269 -4.99 -16.77 -4.31
N HIS A 270 -3.80 -16.52 -4.86
CA HIS A 270 -3.30 -17.19 -6.10
C HIS A 270 -3.17 -18.70 -5.84
N ALA A 271 -2.63 -19.10 -4.69
CA ALA A 271 -2.45 -20.53 -4.34
C ALA A 271 -3.81 -21.22 -4.27
N ILE A 272 -4.79 -20.61 -3.60
CA ILE A 272 -6.16 -21.18 -3.47
C ILE A 272 -6.80 -21.22 -4.86
N ARG A 273 -6.59 -20.17 -5.67
CA ARG A 273 -7.17 -20.09 -7.04
C ARG A 273 -6.62 -21.23 -7.89
N GLN A 274 -5.32 -21.51 -7.83
CA GLN A 274 -4.69 -22.63 -8.59
C GLN A 274 -5.27 -23.95 -8.08
N ALA A 275 -5.39 -24.14 -6.75
CA ALA A 275 -5.88 -25.40 -6.15
C ALA A 275 -7.29 -25.68 -6.62
N CYS A 276 -8.16 -24.68 -6.56
CA CYS A 276 -9.58 -24.80 -6.98
C CYS A 276 -9.65 -25.07 -8.48
N GLU A 277 -8.86 -24.38 -9.30
CA GLU A 277 -8.92 -24.48 -10.78
C GLU A 277 -8.28 -25.78 -11.28
N ASP A 278 -7.53 -26.50 -10.44
CA ASP A 278 -6.88 -27.79 -10.82
C ASP A 278 -7.85 -28.96 -10.59
N LYS A 279 -8.58 -28.98 -9.47
CA LYS A 279 -9.50 -30.10 -9.10
C LYS A 279 -10.94 -29.73 -9.46
N LEU A 280 -11.18 -28.68 -10.25
CA LEU A 280 -12.55 -28.25 -10.66
C LEU A 280 -12.61 -27.90 -12.14
N GLY A 281 -13.79 -27.53 -12.64
CA GLY A 281 -13.99 -27.01 -14.00
C GLY A 281 -14.76 -25.70 -13.93
N ALA A 282 -14.71 -24.87 -14.98
CA ALA A 282 -15.46 -23.60 -15.10
C ALA A 282 -15.14 -22.63 -13.95
N ASP A 283 -13.93 -22.64 -13.40
CA ASP A 283 -13.48 -21.66 -12.36
C ASP A 283 -14.52 -21.56 -11.24
N GLN A 284 -14.80 -22.66 -10.53
CA GLN A 284 -15.83 -22.72 -9.46
C GLN A 284 -15.43 -21.81 -8.28
N GLN A 285 -14.14 -21.76 -7.92
CA GLN A 285 -13.59 -20.86 -6.86
C GLN A 285 -14.47 -20.90 -5.62
N PRO A 286 -14.57 -22.03 -4.87
CA PRO A 286 -15.54 -22.16 -3.79
C PRO A 286 -15.29 -21.27 -2.57
N ALA A 287 -16.33 -21.02 -1.78
CA ALA A 287 -16.26 -20.18 -0.56
C ALA A 287 -15.36 -20.84 0.47
N PHE A 288 -14.68 -20.05 1.30
CA PHE A 288 -13.81 -20.58 2.37
C PHE A 288 -13.48 -19.53 3.43
N VAL A 289 -13.27 -19.96 4.68
CA VAL A 289 -12.76 -19.10 5.78
C VAL A 289 -11.61 -19.95 6.37
N LEU A 290 -10.36 -19.68 5.97
CA LEU A 290 -9.19 -20.51 6.36
C LEU A 290 -8.20 -19.68 7.18
N TYR A 291 -7.78 -20.20 8.33
CA TYR A 291 -6.84 -19.51 9.26
C TYR A 291 -5.47 -20.16 9.12
N LEU A 292 -4.51 -19.43 8.56
CA LEU A 292 -3.11 -19.90 8.47
C LEU A 292 -2.37 -19.43 9.72
N GLU A 293 -1.63 -20.33 10.38
CA GLU A 293 -0.83 -20.03 11.59
C GLU A 293 0.63 -20.33 11.23
N ILE A 294 1.52 -19.35 11.36
CA ILE A 294 2.94 -19.43 10.93
C ILE A 294 3.80 -18.76 12.00
N ASP A 295 5.08 -19.10 12.05
CA ASP A 295 6.02 -18.54 13.06
C ASP A 295 6.05 -17.03 12.82
N PRO A 296 5.96 -16.17 13.86
CA PRO A 296 5.90 -14.72 13.67
C PRO A 296 7.16 -14.14 13.02
N HIS A 297 8.29 -14.86 13.08
CA HIS A 297 9.57 -14.43 12.45
C HIS A 297 9.59 -14.76 10.97
N GLN A 298 8.89 -15.78 10.48
CA GLN A 298 8.99 -16.25 9.06
C GLN A 298 8.00 -15.49 8.16
N VAL A 299 7.26 -14.50 8.71
CA VAL A 299 6.34 -13.63 7.92
C VAL A 299 6.57 -12.16 8.32
N ASP A 300 6.59 -11.25 7.35
CA ASP A 300 6.73 -9.78 7.58
C ASP A 300 5.38 -9.16 7.25
N VAL A 301 4.79 -8.42 8.20
CA VAL A 301 3.41 -7.85 8.08
C VAL A 301 3.43 -6.34 7.87
N ASN A 302 4.52 -5.66 8.20
CA ASN A 302 4.67 -4.21 7.93
C ASN A 302 5.00 -4.11 6.47
N VAL A 303 3.99 -4.23 5.62
CA VAL A 303 4.17 -4.21 4.14
C VAL A 303 3.21 -3.22 3.47
N HIS A 304 1.99 -3.07 3.98
CA HIS A 304 0.94 -2.22 3.36
C HIS A 304 0.38 -1.27 4.44
N PRO A 305 0.02 0.00 4.17
CA PRO A 305 -0.48 0.92 5.21
C PRO A 305 -1.71 0.38 5.94
N ALA A 306 -2.62 -0.29 5.23
CA ALA A 306 -3.87 -0.89 5.77
C ALA A 306 -3.65 -2.36 6.13
N LYS A 307 -2.40 -2.84 6.12
CA LYS A 307 -2.00 -4.14 6.72
C LYS A 307 -2.86 -5.32 6.27
N HIS A 308 -3.10 -5.48 4.97
CA HIS A 308 -3.80 -6.66 4.41
C HIS A 308 -2.97 -7.29 3.28
N GLU A 309 -1.63 -7.27 3.38
CA GLU A 309 -0.73 -7.97 2.44
C GLU A 309 0.56 -8.27 3.20
N VAL A 310 0.96 -9.53 3.31
CA VAL A 310 2.16 -9.95 4.11
C VAL A 310 3.25 -10.41 3.15
N ARG A 311 4.53 -10.24 3.53
CA ARG A 311 5.69 -10.75 2.77
C ARG A 311 6.26 -11.94 3.54
N PHE A 312 6.14 -13.16 3.00
CA PHE A 312 6.66 -14.41 3.63
C PHE A 312 8.15 -14.57 3.33
N HIS A 313 8.96 -15.02 4.29
CA HIS A 313 10.41 -15.32 4.11
C HIS A 313 10.60 -16.58 3.25
N GLN A 314 9.62 -17.49 3.26
CA GLN A 314 9.68 -18.78 2.52
C GLN A 314 8.47 -18.79 1.58
N SER A 315 8.48 -17.91 0.58
CA SER A 315 7.33 -17.70 -0.34
C SER A 315 6.92 -19.00 -1.01
N ARG A 316 7.87 -19.75 -1.59
CA ARG A 316 7.58 -20.96 -2.41
C ARG A 316 7.03 -22.06 -1.51
N LEU A 317 7.64 -22.25 -0.32
CA LEU A 317 7.22 -23.30 0.65
C LEU A 317 5.80 -23.02 1.12
N VAL A 318 5.48 -21.77 1.47
CA VAL A 318 4.13 -21.38 1.97
C VAL A 318 3.10 -21.56 0.87
N HIS A 319 3.41 -21.19 -0.36
CA HIS A 319 2.51 -21.36 -1.54
C HIS A 319 2.21 -22.85 -1.71
N ASP A 320 3.23 -23.69 -1.68
CA ASP A 320 3.09 -25.16 -1.85
C ASP A 320 2.26 -25.71 -0.69
N PHE A 321 2.51 -25.24 0.54
CA PHE A 321 1.79 -25.72 1.75
C PHE A 321 0.30 -25.42 1.63
N ILE A 322 -0.07 -24.19 1.26
CA ILE A 322 -1.51 -23.77 1.12
C ILE A 322 -2.12 -24.57 -0.04
N TYR A 323 -1.40 -24.72 -1.15
CA TYR A 323 -1.89 -25.45 -2.35
C TYR A 323 -2.19 -26.90 -1.97
N GLN A 324 -1.29 -27.57 -1.25
CA GLN A 324 -1.46 -28.97 -0.80
C GLN A 324 -2.64 -29.06 0.16
N GLY A 325 -2.77 -28.10 1.08
CA GLY A 325 -3.87 -28.09 2.07
C GLY A 325 -5.22 -28.00 1.40
N VAL A 326 -5.41 -27.07 0.48
CA VAL A 326 -6.71 -26.85 -0.24
C VAL A 326 -6.96 -28.06 -1.14
N LEU A 327 -5.92 -28.61 -1.77
CA LEU A 327 -6.05 -29.80 -2.66
C LEU A 327 -6.56 -30.97 -1.83
N SER A 328 -6.04 -31.16 -0.61
CA SER A 328 -6.49 -32.22 0.34
C SER A 328 -7.95 -31.96 0.71
N VAL A 329 -8.32 -30.70 0.91
CA VAL A 329 -9.70 -30.30 1.31
C VAL A 329 -10.69 -30.71 0.22
N LEU A 330 -10.38 -30.48 -1.06
CA LEU A 330 -11.33 -30.65 -2.19
C LEU A 330 -11.74 -32.11 -2.41
N GLN A 331 -11.02 -33.09 -1.85
CA GLN A 331 -11.48 -34.52 -1.91
C GLN A 331 -12.72 -34.68 -1.02
N MET B 1 2.38 -0.64 29.69
CA MET B 1 3.25 -0.04 28.65
C MET B 1 2.63 1.27 28.17
N PRO B 2 3.33 2.43 28.19
CA PRO B 2 2.73 3.71 27.85
C PRO B 2 2.67 4.02 26.34
N ILE B 3 1.77 4.92 25.91
CA ILE B 3 1.73 5.39 24.50
C ILE B 3 2.88 6.41 24.43
N GLN B 4 3.99 6.05 23.76
CA GLN B 4 5.21 6.89 23.68
C GLN B 4 5.53 7.17 22.21
N VAL B 5 6.01 8.37 21.89
CA VAL B 5 6.36 8.75 20.49
C VAL B 5 7.57 7.92 20.07
N LEU B 6 7.50 7.25 18.91
CA LEU B 6 8.61 6.43 18.37
C LEU B 6 9.79 7.34 18.04
N PRO B 7 11.05 6.98 18.34
CA PRO B 7 12.21 7.79 17.91
C PRO B 7 12.21 7.95 16.39
N PRO B 8 12.63 9.09 15.82
CA PRO B 8 12.51 9.32 14.36
C PRO B 8 13.17 8.25 13.50
N GLN B 9 14.31 7.70 13.93
CA GLN B 9 15.00 6.62 13.18
C GLN B 9 14.07 5.41 13.08
N LEU B 10 13.43 5.01 14.18
CA LEU B 10 12.49 3.85 14.22
C LEU B 10 11.28 4.14 13.33
N ALA B 11 10.72 5.35 13.41
CA ALA B 11 9.53 5.75 12.63
C ALA B 11 9.86 5.65 11.15
N ASN B 12 11.03 6.16 10.73
CA ASN B 12 11.48 6.13 9.32
C ASN B 12 11.73 4.68 8.89
N GLN B 13 12.26 3.84 9.78
CA GLN B 13 12.51 2.40 9.48
C GLN B 13 11.16 1.73 9.20
N ILE B 14 10.10 2.10 9.92
CA ILE B 14 8.74 1.53 9.70
C ILE B 14 8.20 2.03 8.35
N ALA B 15 8.41 3.30 8.00
CA ALA B 15 8.02 3.86 6.69
C ALA B 15 8.79 3.13 5.59
N ALA B 16 10.05 2.78 5.84
CA ALA B 16 10.90 2.02 4.89
C ALA B 16 10.28 0.64 4.67
N GLY B 17 9.55 0.13 5.65
CA GLY B 17 8.85 -1.15 5.52
C GLY B 17 7.90 -1.14 4.33
N GLU B 18 7.20 -0.04 4.06
CA GLU B 18 6.21 0.03 2.96
C GLU B 18 6.85 0.59 1.68
N VAL B 19 7.65 1.66 1.77
CA VAL B 19 8.20 2.38 0.58
C VAL B 19 9.47 1.72 0.05
N VAL B 20 10.27 1.06 0.88
CA VAL B 20 11.55 0.37 0.48
C VAL B 20 11.34 -1.14 0.58
N GLU B 21 10.77 -1.77 -0.44
CA GLU B 21 10.49 -3.23 -0.48
C GLU B 21 11.76 -4.02 -0.78
N ARG B 22 12.54 -3.60 -1.77
CA ARG B 22 13.79 -4.27 -2.21
C ARG B 22 14.75 -3.19 -2.70
N PRO B 23 16.02 -3.52 -3.05
CA PRO B 23 16.90 -2.55 -3.72
C PRO B 23 16.26 -1.96 -4.99
N ALA B 24 15.40 -2.72 -5.70
CA ALA B 24 14.67 -2.25 -6.90
C ALA B 24 13.84 -1.02 -6.55
N SER B 25 13.10 -1.04 -5.43
CA SER B 25 12.25 0.09 -4.97
C SER B 25 13.13 1.29 -4.61
N VAL B 26 14.33 1.08 -4.04
CA VAL B 26 15.27 2.19 -3.76
C VAL B 26 15.66 2.85 -5.08
N VAL B 27 15.97 2.06 -6.12
CA VAL B 27 16.39 2.60 -7.46
C VAL B 27 15.22 3.38 -8.04
N LYS B 28 14.00 2.86 -7.94
CA LYS B 28 12.78 3.51 -8.50
C LYS B 28 12.58 4.85 -7.84
N GLU B 29 12.68 4.92 -6.51
CA GLU B 29 12.41 6.17 -5.77
C GLU B 29 13.43 7.23 -6.14
N LEU B 30 14.72 6.88 -6.15
CA LEU B 30 15.82 7.85 -6.41
C LEU B 30 15.78 8.32 -7.87
N VAL B 31 15.46 7.43 -8.81
CA VAL B 31 15.32 7.78 -10.26
C VAL B 31 14.17 8.77 -10.43
N GLU B 32 13.03 8.52 -9.79
CA GLU B 32 11.82 9.38 -9.91
C GLU B 32 12.15 10.77 -9.39
N ASN B 33 12.90 10.87 -8.29
CA ASN B 33 13.29 12.16 -7.66
C ASN B 33 14.17 12.95 -8.64
N SER B 34 15.07 12.27 -9.34
CA SER B 34 15.93 12.90 -10.38
C SER B 34 15.07 13.39 -11.56
N LEU B 35 14.12 12.59 -12.03
CA LEU B 35 13.27 12.93 -13.21
C LEU B 35 12.43 14.17 -12.90
N ASP B 36 11.90 14.29 -11.67
CA ASP B 36 11.07 15.45 -11.22
C ASP B 36 11.93 16.71 -11.16
N ALA B 37 13.26 16.60 -11.07
CA ALA B 37 14.21 17.75 -11.04
C ALA B 37 14.66 18.11 -12.45
N GLY B 38 14.05 17.54 -13.49
CA GLY B 38 14.30 17.91 -14.90
C GLY B 38 15.61 17.38 -15.44
N ALA B 39 16.12 16.29 -14.87
CA ALA B 39 17.40 15.67 -15.30
C ALA B 39 17.26 15.03 -16.68
N THR B 40 18.35 15.01 -17.46
CA THR B 40 18.39 14.47 -18.85
C THR B 40 19.36 13.27 -18.95
N ARG B 41 20.32 13.15 -18.04
CA ARG B 41 21.32 12.05 -18.01
C ARG B 41 21.24 11.41 -16.63
N ILE B 42 20.82 10.15 -16.55
CA ILE B 42 20.73 9.38 -15.27
C ILE B 42 21.73 8.23 -15.37
N ASP B 43 22.70 8.15 -14.46
CA ASP B 43 23.73 7.08 -14.45
C ASP B 43 23.54 6.27 -13.17
N ILE B 44 23.05 5.03 -13.28
CA ILE B 44 22.79 4.14 -12.12
C ILE B 44 23.90 3.10 -12.07
N ASP B 45 24.43 2.81 -10.87
CA ASP B 45 25.65 1.98 -10.68
C ASP B 45 25.44 0.93 -9.59
N ILE B 46 24.66 -0.11 -9.86
CA ILE B 46 24.34 -1.17 -8.85
C ILE B 46 25.57 -2.07 -8.66
N GLU B 47 25.92 -2.40 -7.42
CA GLU B 47 27.06 -3.28 -7.08
C GLU B 47 26.57 -4.40 -6.17
N ARG B 48 26.85 -5.66 -6.50
CA ARG B 48 26.46 -6.86 -5.71
C ARG B 48 24.94 -6.94 -5.56
N GLY B 49 24.20 -6.66 -6.64
CA GLY B 49 22.73 -6.81 -6.68
C GLY B 49 22.02 -5.79 -5.82
N GLY B 50 22.65 -4.64 -5.57
CA GLY B 50 22.04 -3.52 -4.81
C GLY B 50 22.33 -3.62 -3.34
N ALA B 51 22.68 -4.81 -2.84
CA ALA B 51 22.92 -5.05 -1.40
C ALA B 51 24.15 -4.26 -0.95
N LYS B 52 25.19 -4.16 -1.79
CA LYS B 52 26.48 -3.51 -1.40
C LYS B 52 26.45 -2.01 -1.70
N LEU B 53 26.10 -1.59 -2.92
CA LEU B 53 26.13 -0.15 -3.31
C LEU B 53 25.13 0.14 -4.44
N ILE B 54 24.30 1.19 -4.30
CA ILE B 54 23.39 1.70 -5.37
C ILE B 54 23.73 3.18 -5.51
N ARG B 55 24.31 3.60 -6.65
CA ARG B 55 24.70 5.00 -6.89
C ARG B 55 23.89 5.53 -8.08
N ILE B 56 23.14 6.63 -7.89
CA ILE B 56 22.35 7.30 -8.98
C ILE B 56 22.90 8.71 -9.14
N ARG B 57 23.33 9.09 -10.35
CA ARG B 57 23.86 10.44 -10.66
C ARG B 57 23.00 11.05 -11.75
N ASP B 58 22.73 12.36 -11.67
CA ASP B 58 21.84 13.08 -12.63
C ASP B 58 22.41 14.46 -12.96
N ASN B 59 21.87 15.14 -13.96
CA ASN B 59 22.24 16.54 -14.33
C ASN B 59 21.03 17.43 -14.03
N GLY B 60 20.37 17.21 -12.88
CA GLY B 60 19.16 17.97 -12.49
C GLY B 60 19.48 19.33 -11.91
N CYS B 61 18.47 20.03 -11.38
CA CYS B 61 18.61 21.39 -10.79
C CYS B 61 19.36 21.33 -9.44
N GLY B 62 19.46 20.15 -8.82
CA GLY B 62 20.25 19.98 -7.59
C GLY B 62 19.51 20.41 -6.35
N ILE B 63 20.16 20.39 -5.18
CA ILE B 63 19.56 20.70 -3.87
C ILE B 63 20.49 21.68 -3.15
N LYS B 64 20.14 22.97 -3.09
CA LYS B 64 21.02 24.03 -2.51
C LYS B 64 21.37 23.69 -1.06
N LYS B 65 22.55 24.09 -0.59
CA LYS B 65 23.18 23.58 0.66
C LYS B 65 22.30 23.62 1.90
N ASP B 66 21.70 24.77 2.19
CA ASP B 66 20.84 24.96 3.39
C ASP B 66 19.63 24.01 3.34
N GLU B 67 19.04 23.79 2.17
CA GLU B 67 17.83 22.94 1.99
C GLU B 67 18.21 21.47 1.88
N LEU B 68 19.50 21.15 1.81
CA LEU B 68 20.01 19.75 1.68
C LEU B 68 19.62 18.97 2.94
N ALA B 69 19.72 19.59 4.12
CA ALA B 69 19.35 18.97 5.42
C ALA B 69 17.86 18.64 5.43
N LEU B 70 17.01 19.57 5.00
CA LEU B 70 15.53 19.39 4.99
C LEU B 70 15.13 18.41 3.90
N ALA B 71 15.94 18.24 2.85
CA ALA B 71 15.68 17.23 1.79
C ALA B 71 15.74 15.85 2.44
N LEU B 72 16.74 15.60 3.28
CA LEU B 72 16.94 14.27 3.94
C LEU B 72 15.92 14.06 5.06
N ALA B 73 15.24 15.12 5.50
CA ALA B 73 14.26 15.07 6.62
C ALA B 73 12.98 14.36 6.18
N ARG B 74 12.10 14.07 7.13
CA ARG B 74 10.81 13.37 6.86
C ARG B 74 9.65 14.37 6.84
N HIS B 75 8.66 14.14 5.97
CA HIS B 75 7.50 15.06 5.76
C HIS B 75 8.04 16.41 5.31
N ALA B 76 9.09 16.45 4.51
CA ALA B 76 9.66 17.69 3.95
C ALA B 76 9.84 17.52 2.45
N THR B 77 9.17 18.34 1.64
CA THR B 77 9.20 18.24 0.16
C THR B 77 9.02 19.60 -0.48
N SER B 78 9.39 19.74 -1.75
CA SER B 78 9.26 20.99 -2.54
C SER B 78 8.23 20.77 -3.66
N LYS B 79 7.34 19.77 -3.53
CA LYS B 79 6.39 19.39 -4.60
C LYS B 79 4.94 19.71 -4.22
N ILE B 80 4.61 19.87 -2.94
CA ILE B 80 3.25 20.32 -2.49
C ILE B 80 3.42 21.32 -1.35
N ALA B 81 2.52 22.31 -1.24
CA ALA B 81 2.47 23.29 -0.13
C ALA B 81 1.16 23.14 0.66
N SER B 82 0.08 22.67 0.01
CA SER B 82 -1.26 22.51 0.63
C SER B 82 -2.04 21.40 -0.07
N LEU B 83 -3.22 21.05 0.44
CA LEU B 83 -4.07 19.95 -0.11
C LEU B 83 -4.46 20.26 -1.55
N ASP B 84 -4.70 21.53 -1.89
CA ASP B 84 -5.12 21.95 -3.26
C ASP B 84 -4.04 21.53 -4.26
N ASP B 85 -2.77 21.72 -3.93
CA ASP B 85 -1.61 21.31 -4.79
C ASP B 85 -1.64 19.79 -4.95
N LEU B 86 -1.94 19.05 -3.87
CA LEU B 86 -2.01 17.57 -3.88
C LEU B 86 -3.15 17.10 -4.78
N GLU B 87 -4.24 17.87 -4.88
CA GLU B 87 -5.40 17.55 -5.76
C GLU B 87 -4.96 17.56 -7.22
N ALA B 88 -4.14 18.54 -7.63
CA ALA B 88 -3.65 18.69 -9.02
C ALA B 88 -2.12 18.58 -8.98
N ILE B 89 -1.59 17.35 -9.01
CA ILE B 89 -0.12 17.10 -8.93
C ILE B 89 0.40 16.70 -10.30
N ILE B 90 1.62 17.13 -10.63
CA ILE B 90 2.30 16.82 -11.93
C ILE B 90 3.58 16.01 -11.66
N SER B 91 4.22 16.20 -10.51
CA SER B 91 5.49 15.53 -10.14
C SER B 91 5.23 14.06 -9.79
N LEU B 92 6.29 13.28 -9.60
CA LEU B 92 6.22 11.87 -9.13
C LEU B 92 6.37 11.83 -7.60
N GLY B 93 6.40 12.99 -6.92
CA GLY B 93 6.57 13.09 -5.46
C GLY B 93 5.51 13.93 -4.76
N PHE B 94 4.95 13.45 -3.65
CA PHE B 94 3.94 14.17 -2.83
C PHE B 94 4.45 14.35 -1.41
N ARG B 95 4.86 13.28 -0.74
CA ARG B 95 5.23 13.29 0.70
C ARG B 95 6.75 13.41 0.88
N GLY B 96 7.24 13.36 2.11
CA GLY B 96 8.69 13.42 2.40
C GLY B 96 9.25 12.10 2.89
N GLU B 97 8.51 11.00 2.74
CA GLU B 97 8.92 9.64 3.16
C GLU B 97 9.53 8.91 1.96
N ALA B 98 10.53 9.50 1.31
CA ALA B 98 11.25 8.86 0.19
C ALA B 98 12.73 8.73 0.55
N LEU B 99 13.41 9.86 0.82
CA LEU B 99 14.84 9.88 1.23
C LEU B 99 14.95 9.56 2.71
N ALA B 100 13.97 9.95 3.53
CA ALA B 100 13.98 9.68 4.98
C ALA B 100 14.02 8.18 5.21
N SER B 101 13.16 7.41 4.52
CA SER B 101 13.07 5.94 4.70
C SER B 101 14.37 5.26 4.24
N ILE B 102 14.89 5.61 3.06
CA ILE B 102 16.11 4.98 2.51
C ILE B 102 17.30 5.34 3.41
N SER B 103 17.42 6.58 3.86
CA SER B 103 18.51 7.05 4.74
C SER B 103 18.40 6.36 6.10
N SER B 104 17.19 5.99 6.52
CA SER B 104 16.95 5.27 7.79
C SER B 104 17.44 3.82 7.73
N VAL B 105 17.21 3.11 6.62
CA VAL B 105 17.55 1.66 6.50
C VAL B 105 18.87 1.46 5.74
N SER B 106 19.70 2.49 5.57
CA SER B 106 21.00 2.38 4.84
C SER B 106 21.95 3.52 5.20
N ARG B 107 23.13 3.55 4.57
CA ARG B 107 24.13 4.63 4.72
C ARG B 107 23.98 5.55 3.51
N LEU B 108 23.04 6.50 3.54
CA LEU B 108 22.72 7.37 2.38
C LEU B 108 23.57 8.63 2.45
N THR B 109 24.39 8.88 1.40
CA THR B 109 25.21 10.10 1.28
C THR B 109 24.66 10.86 0.08
N LEU B 110 24.26 12.11 0.27
CA LEU B 110 23.64 12.95 -0.78
C LEU B 110 24.62 14.05 -1.16
N THR B 111 25.20 13.95 -2.35
CA THR B 111 26.15 14.97 -2.87
C THR B 111 25.45 15.73 -3.99
N SER B 112 25.33 17.06 -3.88
CA SER B 112 24.57 17.88 -4.86
C SER B 112 25.15 19.28 -5.00
N ARG B 113 24.94 19.92 -6.15
CA ARG B 113 25.38 21.31 -6.42
C ARG B 113 24.43 21.93 -7.44
N THR B 114 23.63 22.93 -7.05
CA THR B 114 22.70 23.64 -7.97
C THR B 114 23.52 24.47 -8.96
N ALA B 115 22.92 24.88 -10.07
CA ALA B 115 23.60 25.63 -11.16
C ALA B 115 24.13 26.96 -10.62
N GLU B 116 23.40 27.63 -9.74
CA GLU B 116 23.75 28.96 -9.16
C GLU B 116 24.91 28.84 -8.17
N GLN B 117 24.94 27.75 -7.39
CA GLN B 117 25.97 27.52 -6.33
C GLN B 117 27.26 27.01 -6.97
N GLN B 118 28.40 27.63 -6.65
CA GLN B 118 29.72 27.25 -7.24
C GLN B 118 30.24 25.94 -6.69
N GLU B 119 30.04 25.65 -5.40
CA GLU B 119 30.66 24.48 -4.71
C GLU B 119 29.63 23.44 -4.27
N ALA B 120 29.97 22.15 -4.37
CA ALA B 120 29.08 21.02 -4.03
C ALA B 120 29.11 20.71 -2.53
N TRP B 121 28.14 19.93 -2.06
CA TRP B 121 28.02 19.58 -0.62
C TRP B 121 27.58 18.13 -0.42
N GLN B 122 28.05 17.48 0.65
CA GLN B 122 27.61 16.12 1.04
C GLN B 122 26.68 16.25 2.24
N ALA B 123 25.73 15.33 2.42
CA ALA B 123 24.90 15.27 3.64
C ALA B 123 24.51 13.82 3.88
N TYR B 124 24.71 13.29 5.09
CA TYR B 124 24.27 11.93 5.48
C TYR B 124 23.64 12.01 6.87
N ALA B 125 22.58 11.23 7.11
CA ALA B 125 21.81 11.26 8.38
C ALA B 125 22.17 10.04 9.21
N GLU B 126 22.53 10.25 10.49
CA GLU B 126 22.93 9.16 11.42
C GLU B 126 22.40 9.45 12.83
N GLY B 127 22.37 8.43 13.69
CA GLY B 127 21.94 8.57 15.10
C GLY B 127 20.51 8.15 15.33
N ARG B 128 20.08 8.10 16.60
CA ARG B 128 18.71 7.71 17.02
C ARG B 128 17.71 8.76 16.55
N ASP B 129 18.12 10.04 16.50
CA ASP B 129 17.25 11.18 16.10
C ASP B 129 17.50 11.57 14.62
N MET B 130 18.41 10.89 13.93
CA MET B 130 18.76 11.15 12.50
C MET B 130 19.14 12.61 12.26
N ASN B 131 20.15 13.11 12.99
CA ASN B 131 20.71 14.46 12.73
C ASN B 131 21.53 14.37 11.44
N VAL B 132 21.61 15.46 10.66
CA VAL B 132 22.31 15.48 9.35
C VAL B 132 23.51 16.42 9.44
N THR B 133 24.68 15.99 8.95
CA THR B 133 25.92 16.80 8.89
C THR B 133 26.22 17.11 7.42
N VAL B 134 26.69 18.32 7.12
CA VAL B 134 26.96 18.76 5.71
C VAL B 134 28.46 19.06 5.54
N LYS B 135 29.18 18.20 4.81
CA LYS B 135 30.65 18.35 4.56
C LYS B 135 30.85 18.84 3.13
N PRO B 136 31.87 19.66 2.82
CA PRO B 136 32.11 20.13 1.45
C PRO B 136 32.66 19.02 0.55
N ALA B 137 32.33 19.04 -0.75
CA ALA B 137 32.76 18.01 -1.74
C ALA B 137 32.79 18.61 -3.15
N ALA B 138 33.17 17.82 -4.16
CA ALA B 138 33.24 18.26 -5.59
C ALA B 138 32.26 17.45 -6.45
N HIS B 139 31.37 18.13 -7.18
CA HIS B 139 30.39 17.49 -8.11
C HIS B 139 29.94 18.52 -9.15
N PRO B 140 29.66 18.14 -10.42
CA PRO B 140 29.10 19.09 -11.39
C PRO B 140 27.64 19.42 -11.04
N VAL B 141 27.01 20.34 -11.78
CA VAL B 141 25.56 20.68 -11.59
C VAL B 141 24.79 19.35 -11.60
N GLY B 142 24.00 19.08 -10.56
CA GLY B 142 23.26 17.81 -10.41
C GLY B 142 23.44 17.23 -9.03
N THR B 143 23.03 15.97 -8.84
CA THR B 143 23.07 15.27 -7.53
C THR B 143 23.51 13.82 -7.69
N THR B 144 24.13 13.25 -6.66
CA THR B 144 24.54 11.83 -6.63
C THR B 144 24.08 11.25 -5.29
N LEU B 145 23.36 10.13 -5.31
CA LEU B 145 22.98 9.39 -4.08
C LEU B 145 23.70 8.05 -4.08
N GLU B 146 24.32 7.67 -2.97
CA GLU B 146 24.94 6.34 -2.80
C GLU B 146 24.22 5.66 -1.64
N VAL B 147 23.48 4.58 -1.90
CA VAL B 147 22.80 3.77 -0.86
C VAL B 147 23.72 2.57 -0.61
N LEU B 148 24.47 2.58 0.49
CA LEU B 148 25.47 1.53 0.78
C LEU B 148 24.95 0.61 1.88
N ASP B 149 25.18 -0.70 1.74
CA ASP B 149 24.83 -1.71 2.76
C ASP B 149 23.34 -1.59 3.10
N LEU B 150 22.46 -1.76 2.11
CA LEU B 150 21.00 -1.64 2.32
C LEU B 150 20.54 -2.62 3.41
N PHE B 151 19.73 -2.17 4.36
CA PHE B 151 19.21 -2.97 5.50
C PHE B 151 20.33 -3.45 6.41
N TYR B 152 21.45 -2.72 6.51
CA TYR B 152 22.55 -3.08 7.44
C TYR B 152 22.05 -3.01 8.88
N ASN B 153 21.20 -2.03 9.21
CA ASN B 153 20.74 -1.76 10.61
C ASN B 153 19.47 -2.56 10.95
N THR B 154 18.81 -3.17 9.98
CA THR B 154 17.58 -3.97 10.20
C THR B 154 17.90 -5.42 9.80
N PRO B 155 18.33 -6.29 10.74
CA PRO B 155 18.70 -7.67 10.40
C PRO B 155 17.57 -8.47 9.74
N ALA B 156 16.32 -8.23 10.12
CA ALA B 156 15.14 -8.94 9.56
C ALA B 156 15.01 -8.67 8.06
N ARG B 157 15.18 -7.43 7.62
CA ARG B 157 14.98 -7.04 6.19
C ARG B 157 16.11 -7.66 5.36
N ARG B 158 17.33 -7.72 5.88
CA ARG B 158 18.48 -8.38 5.20
C ARG B 158 18.15 -9.87 5.00
N LYS B 159 17.45 -10.50 5.93
CA LYS B 159 17.04 -11.93 5.83
C LYS B 159 16.10 -12.09 4.64
N PHE B 160 15.36 -11.04 4.27
CA PHE B 160 14.41 -11.05 3.13
C PHE B 160 15.13 -10.85 1.78
N LEU B 161 16.39 -10.40 1.77
CA LEU B 161 17.11 -10.15 0.49
C LEU B 161 17.35 -11.48 -0.19
N ARG B 162 17.06 -11.56 -1.49
CA ARG B 162 17.26 -12.76 -2.31
C ARG B 162 18.69 -12.74 -2.87
N THR B 163 19.03 -13.63 -3.81
CA THR B 163 20.37 -13.76 -4.43
C THR B 163 20.72 -12.50 -5.22
N GLU B 164 22.01 -12.29 -5.55
CA GLU B 164 22.53 -11.10 -6.28
C GLU B 164 21.86 -10.97 -7.65
N LYS B 165 21.66 -12.07 -8.38
CA LYS B 165 21.10 -12.05 -9.76
C LYS B 165 19.66 -11.55 -9.78
N THR B 166 18.77 -12.09 -8.94
CA THR B 166 17.31 -11.76 -8.98
C THR B 166 17.08 -10.30 -8.60
N GLU B 167 17.82 -9.79 -7.62
CA GLU B 167 17.67 -8.37 -7.17
C GLU B 167 18.04 -7.44 -8.31
N PHE B 168 19.11 -7.71 -9.05
CA PHE B 168 19.49 -6.89 -10.23
C PHE B 168 18.42 -7.03 -11.31
N ASN B 169 17.81 -8.22 -11.47
CA ASN B 169 16.73 -8.43 -12.47
C ASN B 169 15.56 -7.51 -12.14
N HIS B 170 15.18 -7.38 -10.87
CA HIS B 170 14.08 -6.48 -10.42
C HIS B 170 14.48 -5.02 -10.66
N ILE B 171 15.74 -4.65 -10.39
CA ILE B 171 16.25 -3.26 -10.63
C ILE B 171 16.17 -2.98 -12.12
N ASP B 172 16.56 -3.95 -12.95
CA ASP B 172 16.55 -3.82 -14.43
C ASP B 172 15.11 -3.66 -14.92
N GLU B 173 14.16 -4.40 -14.33
CA GLU B 173 12.72 -4.31 -14.70
C GLU B 173 12.23 -2.88 -14.44
N ILE B 174 12.55 -2.30 -13.28
CA ILE B 174 12.11 -0.92 -12.91
C ILE B 174 12.77 0.09 -13.83
N ILE B 175 14.06 -0.09 -14.15
CA ILE B 175 14.81 0.82 -15.06
C ILE B 175 14.13 0.80 -16.43
N ARG B 176 13.77 -0.38 -16.94
CA ARG B 176 13.14 -0.52 -18.27
C ARG B 176 11.78 0.20 -18.26
N ARG B 177 11.00 0.04 -17.19
CA ARG B 177 9.66 0.67 -17.07
C ARG B 177 9.79 2.18 -17.01
N ILE B 178 10.76 2.72 -16.25
CA ILE B 178 10.99 4.19 -16.17
C ILE B 178 11.42 4.70 -17.54
N ALA B 179 12.31 3.98 -18.23
CA ALA B 179 12.86 4.41 -19.54
C ALA B 179 11.72 4.54 -20.54
N LEU B 180 10.79 3.57 -20.59
CA LEU B 180 9.63 3.63 -21.50
C LEU B 180 8.73 4.81 -21.15
N ALA B 181 8.49 5.07 -19.87
CA ALA B 181 7.59 6.14 -19.39
C ALA B 181 8.08 7.49 -19.90
N ARG B 182 9.40 7.71 -19.95
CA ARG B 182 10.02 8.97 -20.44
C ARG B 182 11.02 8.65 -21.55
N PHE B 183 10.64 8.81 -22.80
CA PHE B 183 11.53 8.58 -23.96
C PHE B 183 12.35 9.84 -24.20
N ASP B 184 12.65 10.64 -23.19
CA ASP B 184 13.36 11.94 -23.39
C ASP B 184 14.61 12.05 -22.52
N VAL B 185 14.90 11.07 -21.66
CA VAL B 185 16.04 11.14 -20.68
C VAL B 185 16.92 9.91 -20.85
N THR B 186 18.23 10.09 -21.02
CA THR B 186 19.21 8.98 -21.21
C THR B 186 19.42 8.26 -19.88
N ILE B 187 19.23 6.94 -19.85
CA ILE B 187 19.39 6.12 -18.61
C ILE B 187 20.47 5.07 -18.89
N ASN B 188 21.57 5.07 -18.12
CA ASN B 188 22.72 4.15 -18.31
C ASN B 188 22.88 3.27 -17.07
N LEU B 189 22.53 1.99 -17.18
CA LEU B 189 22.63 1.01 -16.06
C LEU B 189 23.99 0.33 -16.11
N SER B 190 24.58 0.03 -14.95
CA SER B 190 25.90 -0.65 -14.84
C SER B 190 25.91 -1.54 -13.60
N HIS B 191 26.20 -2.83 -13.76
CA HIS B 191 26.25 -3.82 -12.64
C HIS B 191 27.71 -4.24 -12.40
N ASN B 192 28.24 -4.03 -11.19
CA ASN B 192 29.63 -4.41 -10.82
C ASN B 192 30.63 -3.69 -11.73
N GLY B 193 30.29 -2.50 -12.24
CA GLY B 193 31.20 -1.68 -13.07
C GLY B 193 31.12 -1.97 -14.57
N LYS B 194 30.45 -3.04 -14.98
CA LYS B 194 30.33 -3.44 -16.41
C LYS B 194 28.98 -2.93 -16.91
N ILE B 195 28.96 -2.11 -17.96
CA ILE B 195 27.69 -1.51 -18.51
C ILE B 195 26.77 -2.63 -18.95
N VAL B 196 25.52 -2.63 -18.48
CA VAL B 196 24.51 -3.67 -18.83
C VAL B 196 23.53 -3.09 -19.86
N ARG B 197 22.94 -1.92 -19.58
CA ARG B 197 21.92 -1.32 -20.48
C ARG B 197 22.17 0.18 -20.69
N GLN B 198 22.14 0.65 -21.94
CA GLN B 198 22.21 2.10 -22.28
C GLN B 198 21.05 2.43 -23.21
N TYR B 199 20.25 3.45 -22.88
CA TYR B 199 19.15 3.96 -23.73
C TYR B 199 19.47 5.41 -24.05
N ARG B 200 19.71 5.74 -25.32
CA ARG B 200 20.02 7.12 -25.78
C ARG B 200 18.68 7.82 -25.99
N ALA B 201 18.52 9.03 -25.48
CA ALA B 201 17.23 9.74 -25.47
C ALA B 201 16.85 10.18 -26.87
N VAL B 202 15.63 9.89 -27.30
CA VAL B 202 15.11 10.39 -28.61
C VAL B 202 14.58 11.80 -28.32
N PRO B 203 15.00 12.85 -29.06
CA PRO B 203 14.57 14.22 -28.75
C PRO B 203 13.08 14.40 -29.05
N GLU B 204 12.45 15.43 -28.48
CA GLU B 204 11.00 15.72 -28.72
C GLU B 204 10.79 15.84 -30.23
N GLY B 205 9.78 15.17 -30.79
CA GLY B 205 9.56 15.13 -32.25
C GLY B 205 10.56 14.23 -32.96
N GLY B 206 10.91 13.07 -32.37
CA GLY B 206 11.84 12.08 -32.96
C GLY B 206 11.16 10.76 -33.25
N GLN B 207 11.92 9.73 -33.65
CA GLN B 207 11.36 8.37 -33.94
C GLN B 207 11.46 7.55 -32.64
N LYS B 208 10.35 6.99 -32.17
CA LYS B 208 10.30 6.25 -30.86
C LYS B 208 10.61 4.76 -31.05
N GLU B 209 10.73 4.27 -32.28
CA GLU B 209 10.91 2.81 -32.54
C GLU B 209 12.22 2.30 -31.93
N ARG B 210 13.33 3.04 -32.06
CA ARG B 210 14.67 2.51 -31.69
C ARG B 210 14.78 2.20 -30.20
N ARG B 211 14.45 3.15 -29.31
CA ARG B 211 14.62 2.96 -27.85
C ARG B 211 13.66 1.87 -27.36
N LEU B 212 12.42 1.91 -27.86
CA LEU B 212 11.36 0.94 -27.46
C LEU B 212 11.85 -0.46 -27.81
N GLY B 213 12.47 -0.65 -28.98
CA GLY B 213 13.04 -1.95 -29.39
C GLY B 213 14.15 -2.39 -28.44
N ALA B 214 15.03 -1.48 -28.04
CA ALA B 214 16.17 -1.76 -27.13
C ALA B 214 15.65 -2.24 -25.78
N ILE B 215 14.47 -1.74 -25.35
CA ILE B 215 13.88 -2.09 -24.01
C ILE B 215 12.99 -3.32 -24.15
N CYS B 216 11.95 -3.26 -24.97
CA CYS B 216 10.98 -4.37 -25.14
C CYS B 216 11.59 -5.54 -25.89
N GLY B 217 12.24 -5.29 -27.03
CA GLY B 217 12.80 -6.35 -27.91
C GLY B 217 12.36 -6.18 -29.35
N THR B 218 13.09 -6.78 -30.30
CA THR B 218 12.80 -6.67 -31.76
C THR B 218 11.44 -7.30 -32.06
N ALA B 219 11.09 -8.42 -31.43
CA ALA B 219 9.84 -9.15 -31.70
C ALA B 219 8.65 -8.23 -31.41
N PHE B 220 8.67 -7.52 -30.28
CA PHE B 220 7.61 -6.57 -29.89
C PHE B 220 7.55 -5.46 -30.95
N LEU B 221 8.70 -4.95 -31.40
CA LEU B 221 8.78 -3.79 -32.34
C LEU B 221 8.18 -4.16 -33.70
N GLU B 222 8.53 -5.32 -34.25
CA GLU B 222 7.98 -5.78 -35.57
C GLU B 222 6.51 -6.15 -35.39
N GLN B 223 6.07 -6.45 -34.17
CA GLN B 223 4.67 -6.86 -33.87
C GLN B 223 3.96 -5.78 -33.04
N ALA B 224 4.42 -4.53 -33.07
CA ALA B 224 3.78 -3.40 -32.36
C ALA B 224 2.72 -2.75 -33.25
N LEU B 225 1.59 -2.30 -32.66
CA LEU B 225 0.50 -1.60 -33.38
C LEU B 225 0.25 -0.28 -32.63
N ALA B 226 0.89 0.82 -33.05
CA ALA B 226 0.78 2.14 -32.38
C ALA B 226 -0.66 2.62 -32.46
N ILE B 227 -1.17 3.30 -31.42
CA ILE B 227 -2.61 3.67 -31.32
C ILE B 227 -2.80 5.09 -30.81
N GLU B 228 -3.97 5.67 -31.10
CA GLU B 228 -4.38 7.02 -30.62
C GLU B 228 -5.89 7.02 -30.52
N TRP B 229 -6.48 7.10 -29.31
CA TRP B 229 -7.93 6.98 -29.07
C TRP B 229 -8.36 8.05 -28.06
N GLN B 230 -9.20 9.01 -28.44
CA GLN B 230 -9.61 10.15 -27.57
C GLN B 230 -11.14 10.28 -27.53
N HIS B 231 -11.75 10.33 -26.34
CA HIS B 231 -13.21 10.54 -26.11
C HIS B 231 -13.37 11.88 -25.38
N GLY B 232 -12.39 12.78 -25.52
CA GLY B 232 -12.36 14.05 -24.78
C GLY B 232 -11.05 14.14 -24.04
N ASP B 233 -11.05 14.49 -22.75
CA ASP B 233 -9.83 14.63 -21.91
C ASP B 233 -9.18 13.25 -21.73
N LEU B 234 -9.95 12.16 -21.88
CA LEU B 234 -9.40 10.78 -21.88
C LEU B 234 -8.68 10.56 -23.21
N THR B 235 -7.35 10.36 -23.23
CA THR B 235 -6.56 10.04 -24.46
C THR B 235 -5.69 8.82 -24.13
N LEU B 236 -5.72 7.76 -24.95
CA LEU B 236 -4.93 6.52 -24.73
C LEU B 236 -3.99 6.31 -25.92
N ARG B 237 -2.69 6.57 -25.76
CA ARG B 237 -1.67 6.33 -26.82
C ARG B 237 -0.83 5.11 -26.41
N GLY B 238 0.14 4.72 -27.25
CA GLY B 238 1.07 3.63 -26.92
C GLY B 238 1.09 2.54 -27.95
N TRP B 239 1.81 1.44 -27.68
CA TRP B 239 1.99 0.29 -28.60
C TRP B 239 1.44 -0.97 -27.96
N VAL B 240 0.63 -1.75 -28.68
CA VAL B 240 0.07 -3.05 -28.20
C VAL B 240 0.55 -4.13 -29.16
N ALA B 241 1.06 -5.25 -28.65
CA ALA B 241 1.50 -6.40 -29.48
C ALA B 241 0.29 -7.12 -30.05
N ASP B 242 0.47 -7.94 -31.09
CA ASP B 242 -0.62 -8.70 -31.75
C ASP B 242 -0.75 -10.07 -31.07
N PRO B 243 -1.96 -10.53 -30.66
CA PRO B 243 -2.13 -11.80 -29.95
C PRO B 243 -2.17 -13.05 -30.84
N ASN B 244 -2.27 -12.90 -32.17
CA ASN B 244 -2.42 -14.04 -33.11
C ASN B 244 -1.22 -14.98 -32.98
N HIS B 245 0.01 -14.43 -32.87
CA HIS B 245 1.27 -15.23 -32.76
C HIS B 245 2.19 -14.69 -31.67
N THR B 246 1.65 -14.27 -30.52
CA THR B 246 2.46 -13.81 -29.35
C THR B 246 3.15 -15.02 -28.71
N THR B 247 4.45 -14.92 -28.43
CA THR B 247 5.25 -16.02 -27.78
C THR B 247 5.29 -15.77 -26.27
N PRO B 248 5.51 -16.79 -25.41
CA PRO B 248 5.66 -16.57 -23.95
C PRO B 248 6.82 -15.62 -23.62
N ALA B 249 7.86 -15.56 -24.47
CA ALA B 249 9.02 -14.64 -24.33
C ALA B 249 8.54 -13.18 -24.37
N LEU B 250 7.51 -12.87 -25.16
CA LEU B 250 6.93 -11.50 -25.29
C LEU B 250 5.92 -11.21 -24.17
N ALA B 251 5.38 -12.23 -23.50
CA ALA B 251 4.28 -12.10 -22.51
C ALA B 251 4.66 -11.27 -21.30
N GLU B 252 5.95 -11.15 -20.95
CA GLU B 252 6.43 -10.47 -19.72
C GLU B 252 6.20 -8.96 -19.80
N ILE B 253 6.10 -8.38 -21.00
CA ILE B 253 5.94 -6.90 -21.19
C ILE B 253 4.46 -6.53 -21.13
N GLN B 254 3.95 -6.19 -19.95
CA GLN B 254 2.57 -5.69 -19.75
C GLN B 254 2.67 -4.45 -18.87
N TYR B 255 3.01 -3.30 -19.46
CA TYR B 255 3.16 -2.02 -18.72
C TYR B 255 2.02 -1.07 -19.08
N CYS B 256 1.54 -0.30 -18.11
CA CYS B 256 0.52 0.75 -18.34
C CYS B 256 0.89 1.98 -17.51
N TYR B 257 0.88 3.16 -18.12
CA TYR B 257 1.24 4.44 -17.46
C TYR B 257 0.03 5.38 -17.48
N VAL B 258 -0.23 6.07 -16.36
CA VAL B 258 -1.32 7.09 -16.24
C VAL B 258 -0.64 8.43 -15.94
N ASN B 259 -0.64 9.35 -16.90
CA ASN B 259 0.00 10.69 -16.76
C ASN B 259 1.47 10.51 -16.36
N GLY B 260 2.17 9.55 -16.97
CA GLY B 260 3.61 9.35 -16.74
C GLY B 260 3.96 8.77 -15.39
N ARG B 261 3.19 7.81 -14.86
CA ARG B 261 3.53 7.06 -13.62
C ARG B 261 3.32 5.57 -13.90
N MET B 262 4.07 4.69 -13.23
CA MET B 262 3.98 3.22 -13.43
C MET B 262 2.74 2.72 -12.68
N MET B 263 1.74 2.20 -13.41
CA MET B 263 0.47 1.72 -12.81
C MET B 263 0.45 0.20 -12.80
N ARG B 264 0.32 -0.42 -11.62
CA ARG B 264 0.08 -1.88 -11.45
C ARG B 264 -1.33 -1.92 -10.86
N ASP B 265 -2.31 -1.30 -11.54
CA ASP B 265 -3.69 -1.12 -11.00
C ASP B 265 -4.62 -2.25 -11.43
N ARG B 266 -5.56 -2.61 -10.55
CA ARG B 266 -6.54 -3.70 -10.81
C ARG B 266 -7.51 -3.30 -11.93
N LEU B 267 -8.04 -2.08 -11.89
CA LEU B 267 -9.07 -1.61 -12.86
C LEU B 267 -8.53 -1.65 -14.28
N ILE B 268 -7.34 -1.09 -14.52
CA ILE B 268 -6.79 -0.97 -15.89
C ILE B 268 -6.45 -2.35 -16.43
N ASN B 269 -5.73 -3.15 -15.64
CA ASN B 269 -5.29 -4.51 -16.05
C ASN B 269 -6.55 -5.35 -16.33
N HIS B 270 -7.58 -5.23 -15.49
CA HIS B 270 -8.86 -5.99 -15.65
C HIS B 270 -9.55 -5.57 -16.95
N ALA B 271 -9.56 -4.28 -17.28
CA ALA B 271 -10.19 -3.75 -18.51
C ALA B 271 -9.48 -4.35 -19.73
N ILE B 272 -8.14 -4.36 -19.73
CA ILE B 272 -7.32 -4.92 -20.85
C ILE B 272 -7.57 -6.43 -20.93
N ARG B 273 -7.66 -7.11 -19.77
CA ARG B 273 -7.88 -8.58 -19.71
C ARG B 273 -9.25 -8.90 -20.33
N GLN B 274 -10.28 -8.13 -20.03
CA GLN B 274 -11.64 -8.32 -20.60
C GLN B 274 -11.58 -8.10 -22.11
N ALA B 275 -10.91 -7.03 -22.56
CA ALA B 275 -10.82 -6.67 -24.00
C ALA B 275 -10.14 -7.80 -24.76
N CYS B 276 -9.02 -8.32 -24.23
CA CYS B 276 -8.25 -9.43 -24.86
C CYS B 276 -9.12 -10.69 -24.90
N GLU B 277 -9.78 -11.04 -23.79
CA GLU B 277 -10.58 -12.30 -23.67
C GLU B 277 -11.82 -12.24 -24.58
N ASP B 278 -12.35 -11.06 -24.87
CA ASP B 278 -13.59 -10.89 -25.69
C ASP B 278 -13.31 -11.07 -27.18
N LYS B 279 -12.20 -10.52 -27.69
CA LYS B 279 -11.85 -10.58 -29.14
C LYS B 279 -10.86 -11.72 -29.39
N LEU B 280 -10.63 -12.60 -28.41
CA LEU B 280 -9.78 -13.82 -28.58
C LEU B 280 -10.55 -15.05 -28.10
N GLY B 281 -11.01 -15.06 -26.83
CA GLY B 281 -11.77 -16.15 -26.21
C GLY B 281 -11.00 -16.81 -25.07
N ALA B 282 -9.67 -16.77 -25.10
CA ALA B 282 -8.78 -17.40 -24.10
C ALA B 282 -7.87 -16.32 -23.50
N ASP B 283 -7.03 -16.67 -22.52
CA ASP B 283 -6.10 -15.73 -21.84
C ASP B 283 -4.73 -15.75 -22.49
N GLN B 284 -4.61 -15.32 -23.76
CA GLN B 284 -3.30 -15.15 -24.45
C GLN B 284 -2.58 -13.97 -23.81
N GLN B 285 -3.32 -12.96 -23.30
CA GLN B 285 -2.77 -11.77 -22.57
C GLN B 285 -1.61 -11.18 -23.34
N PRO B 286 -1.83 -10.57 -24.54
CA PRO B 286 -0.73 -10.08 -25.39
C PRO B 286 0.03 -8.92 -24.76
N ALA B 287 1.29 -8.72 -25.19
CA ALA B 287 2.16 -7.65 -24.67
C ALA B 287 1.60 -6.29 -25.05
N PHE B 288 1.82 -5.27 -24.21
CA PHE B 288 1.37 -3.88 -24.50
C PHE B 288 2.07 -2.84 -23.64
N VAL B 289 2.21 -1.62 -24.16
CA VAL B 289 2.63 -0.42 -23.39
C VAL B 289 1.60 0.67 -23.72
N LEU B 290 0.76 1.08 -22.76
CA LEU B 290 -0.32 2.08 -22.99
C LEU B 290 -0.07 3.33 -22.13
N TYR B 291 -0.08 4.51 -22.76
CA TYR B 291 0.10 5.82 -22.08
C TYR B 291 -1.28 6.47 -22.01
N LEU B 292 -1.87 6.55 -20.82
CA LEU B 292 -3.21 7.14 -20.62
C LEU B 292 -3.01 8.57 -20.10
N GLU B 293 -3.74 9.55 -20.66
CA GLU B 293 -3.68 10.96 -20.22
C GLU B 293 -5.09 11.40 -19.80
N ILE B 294 -5.23 11.93 -18.58
CA ILE B 294 -6.51 12.48 -18.03
C ILE B 294 -6.20 13.72 -17.20
N ASP B 295 -7.19 14.57 -16.94
CA ASP B 295 -6.99 15.75 -16.06
C ASP B 295 -6.61 15.18 -14.69
N PRO B 296 -5.62 15.73 -13.96
CA PRO B 296 -5.25 15.23 -12.65
C PRO B 296 -6.39 15.30 -11.62
N HIS B 297 -7.41 16.14 -11.84
CA HIS B 297 -8.60 16.28 -10.94
C HIS B 297 -9.54 15.07 -11.05
N GLN B 298 -9.51 14.35 -12.17
CA GLN B 298 -10.35 13.14 -12.38
C GLN B 298 -9.63 11.90 -11.84
N VAL B 299 -8.43 12.04 -11.28
CA VAL B 299 -7.64 10.89 -10.74
C VAL B 299 -7.03 11.21 -9.37
N ASP B 300 -7.07 10.25 -8.43
CA ASP B 300 -6.44 10.37 -7.09
C ASP B 300 -5.29 9.36 -7.09
N VAL B 301 -4.06 9.83 -6.86
CA VAL B 301 -2.82 9.00 -6.96
C VAL B 301 -2.20 8.76 -5.60
N ASN B 302 -2.54 9.55 -4.59
CA ASN B 302 -2.07 9.32 -3.21
C ASN B 302 -2.93 8.19 -2.68
N VAL B 303 -2.60 6.96 -3.07
CA VAL B 303 -3.39 5.76 -2.71
C VAL B 303 -2.51 4.65 -2.15
N HIS B 304 -1.26 4.51 -2.61
CA HIS B 304 -0.35 3.40 -2.23
C HIS B 304 1.01 3.97 -1.78
N PRO B 305 1.76 3.35 -0.84
CA PRO B 305 3.04 3.90 -0.38
C PRO B 305 4.06 4.09 -1.51
N ALA B 306 4.13 3.17 -2.48
CA ALA B 306 5.04 3.23 -3.64
C ALA B 306 4.30 3.78 -4.86
N LYS B 307 3.07 4.29 -4.70
CA LYS B 307 2.28 4.99 -5.74
C LYS B 307 2.16 4.15 -7.01
N HIS B 308 1.96 2.84 -6.89
CA HIS B 308 1.72 1.94 -8.04
C HIS B 308 0.27 2.05 -8.50
N GLU B 309 -0.70 1.83 -7.59
CA GLU B 309 -2.14 1.79 -7.94
C GLU B 309 -2.77 3.16 -7.74
N VAL B 310 -3.91 3.42 -8.39
CA VAL B 310 -4.53 4.78 -8.43
C VAL B 310 -6.05 4.67 -8.32
N ARG B 311 -6.73 5.69 -7.79
CA ARG B 311 -8.20 5.72 -7.65
C ARG B 311 -8.77 6.75 -8.63
N PHE B 312 -9.55 6.31 -9.62
CA PHE B 312 -10.21 7.20 -10.61
C PHE B 312 -11.53 7.69 -10.05
N HIS B 313 -11.85 8.97 -10.22
CA HIS B 313 -13.15 9.58 -9.79
C HIS B 313 -14.29 9.12 -10.71
N GLN B 314 -13.97 8.70 -11.95
CA GLN B 314 -14.96 8.25 -12.97
C GLN B 314 -14.58 6.81 -13.32
N SER B 315 -14.71 5.89 -12.38
CA SER B 315 -14.22 4.48 -12.54
C SER B 315 -14.84 3.80 -13.75
N ARG B 316 -16.17 3.84 -13.88
CA ARG B 316 -16.89 3.10 -14.96
C ARG B 316 -16.55 3.70 -16.32
N LEU B 317 -16.52 5.03 -16.43
CA LEU B 317 -16.19 5.76 -17.69
C LEU B 317 -14.77 5.39 -18.15
N VAL B 318 -13.80 5.41 -17.23
CA VAL B 318 -12.36 5.13 -17.55
C VAL B 318 -12.23 3.66 -17.98
N HIS B 319 -12.90 2.74 -17.29
CA HIS B 319 -12.88 1.29 -17.64
C HIS B 319 -13.43 1.11 -19.06
N ASP B 320 -14.55 1.74 -19.36
CA ASP B 320 -15.21 1.67 -20.70
C ASP B 320 -14.27 2.27 -21.74
N PHE B 321 -13.63 3.39 -21.44
CA PHE B 321 -12.73 4.09 -22.38
C PHE B 321 -11.54 3.21 -22.74
N ILE B 322 -10.87 2.61 -21.76
CA ILE B 322 -9.70 1.71 -21.99
C ILE B 322 -10.18 0.48 -22.75
N TYR B 323 -11.33 -0.09 -22.37
CA TYR B 323 -11.91 -1.31 -23.01
C TYR B 323 -12.18 -1.01 -24.49
N GLN B 324 -12.79 0.14 -24.81
CA GLN B 324 -13.08 0.56 -26.21
C GLN B 324 -11.78 0.76 -26.98
N GLY B 325 -10.77 1.38 -26.35
CA GLY B 325 -9.47 1.64 -27.01
C GLY B 325 -8.78 0.34 -27.39
N VAL B 326 -8.69 -0.64 -26.48
CA VAL B 326 -8.04 -1.95 -26.72
C VAL B 326 -8.86 -2.74 -27.74
N LEU B 327 -10.20 -2.66 -27.67
CA LEU B 327 -11.11 -3.34 -28.64
C LEU B 327 -10.82 -2.80 -30.04
N SER B 328 -10.64 -1.47 -30.19
CA SER B 328 -10.30 -0.82 -31.48
C SER B 328 -8.91 -1.32 -31.93
N VAL B 329 -7.98 -1.50 -31.00
CA VAL B 329 -6.58 -1.97 -31.30
C VAL B 329 -6.65 -3.35 -31.94
N LEU B 330 -7.45 -4.26 -31.39
CA LEU B 330 -7.52 -5.68 -31.84
C LEU B 330 -8.15 -5.76 -33.23
N GLN B 331 -8.79 -4.68 -33.72
CA GLN B 331 -9.28 -4.59 -35.13
C GLN B 331 -8.06 -4.53 -36.05
PG ANP E . -1.58 1.08 13.57
O1G ANP E . -1.86 -0.34 13.17
O2G ANP E . -0.80 1.79 12.51
O3G ANP E . -2.80 1.80 13.56
PB ANP E . -1.68 1.68 16.39
O1B ANP E . -0.88 1.62 17.66
O2B ANP E . -2.97 1.00 16.48
N3B ANP E . -0.91 1.17 15.05
PA ANP E . -3.01 4.18 16.71
O1A ANP E . -4.27 3.68 16.15
O2A ANP E . -2.70 5.63 16.49
O3A ANP E . -1.88 3.24 16.16
O5' ANP E . -2.99 3.84 18.26
C5' ANP E . -2.82 4.89 19.25
C4' ANP E . -2.63 4.28 20.61
O4' ANP E . -3.81 4.54 21.40
C3' ANP E . -2.43 2.76 20.63
O3' ANP E . -1.05 2.45 20.73
C2' ANP E . -3.19 2.31 21.89
O2' ANP E . -2.35 2.16 23.02
C1' ANP E . -4.20 3.42 22.14
N9 ANP E . -5.57 3.06 21.77
C8 ANP E . -6.19 3.26 20.56
N7 ANP E . -7.43 2.84 20.57
C5 ANP E . -7.63 2.32 21.85
C6 ANP E . -8.75 1.72 22.46
N6 ANP E . -9.91 1.52 21.86
N1 ANP E . -8.60 1.34 23.75
C2 ANP E . -7.42 1.53 24.35
N3 ANP E . -6.30 2.09 23.86
C4 ANP E . -6.49 2.46 22.59
MG MG F . -4.68 1.66 14.96
MG MG G . 11.12 11.22 -3.30
PG ANP H . 7.73 10.92 -2.46
O1G ANP H . 7.84 9.66 -1.60
O2G ANP H . 8.17 10.60 -3.87
O3G ANP H . 6.28 11.36 -2.47
PB ANP H . 9.19 13.37 -2.69
O1B ANP H . 8.08 14.34 -2.88
O2B ANP H . 10.03 13.18 -3.90
N3B ANP H . 8.69 12.07 -1.84
PA ANP H . 11.57 13.50 -1.07
O1A ANP H . 12.41 12.93 -2.18
O2A ANP H . 11.29 12.67 0.13
O3A ANP H . 10.20 14.04 -1.67
O5' ANP H . 12.17 14.91 -0.60
C5' ANP H . 13.46 15.39 -1.01
C4' ANP H . 13.30 16.64 -1.85
O4' ANP H . 14.57 16.91 -2.48
C3' ANP H . 12.24 16.57 -2.96
O3' ANP H . 11.09 17.35 -2.64
C2' ANP H . 12.94 17.09 -4.23
O2' ANP H . 12.41 18.32 -4.67
C1' ANP H . 14.41 17.22 -3.84
N9 ANP H . 15.21 16.30 -4.62
C8 ANP H . 15.35 14.95 -4.44
N7 ANP H . 16.14 14.40 -5.33
C5 ANP H . 16.55 15.46 -6.12
C6 ANP H . 17.41 15.53 -7.23
N6 ANP H . 18.00 14.47 -7.75
N1 ANP H . 17.62 16.75 -7.79
C2 ANP H . 16.99 17.81 -7.25
N3 ANP H . 16.16 17.85 -6.22
C4 ANP H . 15.99 16.63 -5.69
#